data_6YON
#
_entry.id   6YON
#
_cell.length_a   80.500
_cell.length_b   85.690
_cell.length_c   91.150
_cell.angle_alpha   90.00
_cell.angle_beta   89.99
_cell.angle_gamma   90.00
#
_symmetry.space_group_name_H-M   'P 1 21 1'
#
loop_
_entity.id
_entity.type
_entity.pdbx_description
1 polymer Endoglucanase
2 branched 2-acetamido-2-deoxy-beta-D-glucopyranose-(1-4)-2-acetamido-2-deoxy-beta-D-glucopyranose
3 non-polymer 'SULFATE ION'
4 water water
#
_entity_poly.entity_id   1
_entity_poly.type   'polypeptide(L)'
_entity_poly.pdbx_seq_one_letter_code
;ANSKEVKKRASSFEWFGSNESGAEFGSGNIPGVEGTDYTFPNTTAIQILIDAGMNIFRVPFLMERMIPTEMTGSLDTAYF
EGYSEVINYITGKGAHAVVDPHNFGRYYGTPISSTSDFQTFWSTLACQFKSNDLVIFDTNNEYHDMDESVVVALNQAAID
GIRDCGATTQYIFVEGNAYSGAWTWTTYNTAMVNLTDPSDLIVYEMHQYLDSDGSGTSDQCVSSTVGQERVVDATTWLQS
NGKLGILGEFAGGANSVCEEAVEGMLDYLAENSDVWLGASWWSAGPWWQDYIYSMEPPNGIAYESYLSILETYF
;
_entity_poly.pdbx_strand_id   A,B,C,D
#
loop_
_chem_comp.id
_chem_comp.type
_chem_comp.name
_chem_comp.formula
NAG D-saccharide, beta linking 2-acetamido-2-deoxy-beta-D-glucopyranose 'C8 H15 N O6'
SO4 non-polymer 'SULFATE ION' 'O4 S -2'
#
# COMPACT_ATOMS: atom_id res chain seq x y z
N ALA A 10 -49.97 -2.31 6.28
CA ALA A 10 -48.94 -3.00 7.12
C ALA A 10 -47.54 -2.76 6.51
N SER A 11 -46.94 -3.79 5.90
CA SER A 11 -45.50 -3.87 5.54
C SER A 11 -45.27 -3.36 4.11
N SER A 12 -44.53 -2.24 3.97
CA SER A 12 -44.10 -1.62 2.69
C SER A 12 -43.02 -2.46 1.99
N PHE A 13 -42.24 -3.25 2.75
CA PHE A 13 -41.17 -4.17 2.26
C PHE A 13 -41.34 -5.56 2.88
N GLU A 14 -40.60 -6.54 2.38
CA GLU A 14 -40.58 -7.91 2.97
C GLU A 14 -39.81 -7.84 4.30
N TRP A 15 -38.69 -7.11 4.29
CA TRP A 15 -37.74 -7.04 5.43
C TRP A 15 -37.48 -5.59 5.85
N PHE A 16 -37.10 -5.43 7.10
CA PHE A 16 -36.56 -4.17 7.65
C PHE A 16 -35.92 -4.45 9.01
N GLY A 17 -34.69 -3.94 9.18
CA GLY A 17 -33.83 -4.28 10.33
C GLY A 17 -32.66 -3.34 10.44
N SER A 18 -31.58 -3.83 11.01
CA SER A 18 -30.37 -3.05 11.34
C SER A 18 -29.16 -3.98 11.31
N ASN A 19 -28.03 -3.48 10.85
CA ASN A 19 -26.71 -4.11 11.07
C ASN A 19 -26.47 -4.13 12.59
N GLU A 20 -25.83 -5.18 13.12
CA GLU A 20 -25.45 -5.34 14.56
C GLU A 20 -23.94 -5.58 14.68
N SER A 21 -23.14 -4.54 14.90
CA SER A 21 -21.67 -4.56 14.72
C SER A 21 -20.96 -4.81 16.06
N GLY A 22 -19.73 -5.31 16.02
CA GLY A 22 -18.86 -5.41 17.20
C GLY A 22 -17.85 -6.52 17.04
N ALA A 23 -18.30 -7.60 16.40
CA ALA A 23 -17.53 -8.82 16.12
C ALA A 23 -16.56 -8.59 14.97
N GLU A 24 -16.68 -7.48 14.22
CA GLU A 24 -15.76 -7.10 13.11
C GLU A 24 -14.86 -5.93 13.52
N PHE A 25 -14.90 -5.49 14.77
CA PHE A 25 -14.16 -4.28 15.28
C PHE A 25 -12.68 -4.63 15.49
N GLY A 26 -11.86 -3.60 15.72
CA GLY A 26 -10.41 -3.70 15.96
C GLY A 26 -9.74 -4.66 14.99
N SER A 27 -10.24 -4.71 13.75
CA SER A 27 -9.75 -5.56 12.64
C SER A 27 -8.23 -5.42 12.44
N GLY A 28 -7.61 -4.41 13.05
CA GLY A 28 -6.14 -4.32 13.11
C GLY A 28 -5.56 -5.39 14.02
N ASN A 29 -6.40 -6.10 14.78
CA ASN A 29 -5.99 -7.13 15.77
C ASN A 29 -6.60 -8.49 15.41
N ILE A 30 -5.81 -9.37 14.78
CA ILE A 30 -6.18 -10.80 14.55
C ILE A 30 -5.24 -11.66 15.40
N PRO A 31 -5.76 -12.63 16.20
CA PRO A 31 -7.19 -12.82 16.41
C PRO A 31 -7.87 -11.69 17.19
N GLY A 32 -7.12 -11.00 18.05
CA GLY A 32 -7.66 -9.97 18.95
C GLY A 32 -8.44 -10.62 20.07
N VAL A 33 -8.48 -9.97 21.24
CA VAL A 33 -9.07 -10.56 22.47
C VAL A 33 -10.54 -10.13 22.55
N GLU A 34 -11.45 -11.07 22.86
CA GLU A 34 -12.89 -10.78 23.06
C GLU A 34 -13.02 -9.87 24.29
N GLY A 35 -13.84 -8.83 24.19
CA GLY A 35 -14.08 -7.84 25.26
C GLY A 35 -13.13 -6.66 25.20
N THR A 36 -12.10 -6.68 24.35
CA THR A 36 -11.06 -5.62 24.32
C THR A 36 -10.98 -5.03 22.91
N ASP A 37 -10.69 -5.86 21.90
CA ASP A 37 -10.60 -5.43 20.49
C ASP A 37 -11.98 -5.52 19.83
N TYR A 38 -12.84 -6.42 20.33
CA TYR A 38 -14.17 -6.75 19.76
C TYR A 38 -15.12 -7.37 20.80
N THR A 39 -16.35 -7.59 20.37
CA THR A 39 -17.48 -8.06 21.19
C THR A 39 -18.59 -8.52 20.25
N PHE A 40 -19.55 -9.28 20.77
CA PHE A 40 -20.69 -9.73 19.94
C PHE A 40 -21.81 -8.77 20.27
N PRO A 41 -22.78 -8.57 19.36
CA PRO A 41 -24.02 -7.92 19.72
C PRO A 41 -24.63 -8.42 21.05
N ASN A 42 -25.50 -7.57 21.59
CA ASN A 42 -26.20 -7.68 22.88
C ASN A 42 -27.65 -8.09 22.58
N THR A 43 -28.04 -9.31 22.96
CA THR A 43 -29.33 -9.95 22.57
C THR A 43 -30.50 -9.17 23.18
N THR A 44 -30.30 -8.63 24.39
CA THR A 44 -31.36 -7.87 25.10
C THR A 44 -31.79 -6.75 24.16
N ALA A 45 -30.82 -6.00 23.60
CA ALA A 45 -31.01 -4.80 22.75
C ALA A 45 -31.59 -5.17 21.36
N ILE A 46 -31.10 -6.24 20.77
CA ILE A 46 -31.72 -6.80 19.54
C ILE A 46 -33.20 -6.94 19.88
N GLN A 47 -33.52 -7.74 20.89
CA GLN A 47 -34.91 -7.92 21.37
C GLN A 47 -35.60 -6.55 21.41
N ILE A 48 -35.00 -5.54 22.01
CA ILE A 48 -35.65 -4.19 22.08
C ILE A 48 -36.03 -3.73 20.67
N LEU A 49 -35.20 -4.10 19.67
CA LEU A 49 -35.43 -3.77 18.24
C LEU A 49 -36.31 -4.81 17.54
N ILE A 50 -36.64 -5.95 18.17
CA ILE A 50 -37.68 -6.88 17.62
C ILE A 50 -39.05 -6.43 18.13
N ASP A 51 -39.20 -6.30 19.44
CA ASP A 51 -40.45 -5.76 20.04
C ASP A 51 -40.96 -4.69 19.06
N ALA A 52 -40.03 -3.86 18.54
CA ALA A 52 -40.27 -2.59 17.82
C ALA A 52 -40.73 -2.81 16.38
N GLY A 53 -40.48 -3.97 15.79
CA GLY A 53 -40.96 -4.31 14.43
C GLY A 53 -39.82 -4.66 13.48
N MET A 54 -38.59 -4.84 13.98
CA MET A 54 -37.41 -5.16 13.13
C MET A 54 -37.21 -6.67 13.05
N ASN A 55 -37.20 -7.22 11.83
CA ASN A 55 -37.39 -8.65 11.52
C ASN A 55 -36.28 -9.17 10.59
N ILE A 56 -35.19 -8.42 10.42
CA ILE A 56 -33.93 -8.91 9.79
C ILE A 56 -32.74 -8.17 10.43
N PHE A 57 -31.64 -8.87 10.71
CA PHE A 57 -30.42 -8.32 11.39
C PHE A 57 -29.12 -8.83 10.74
N ARG A 58 -28.39 -7.92 10.09
CA ARG A 58 -27.04 -8.18 9.53
C ARG A 58 -25.99 -8.06 10.64
N VAL A 59 -25.38 -9.19 10.98
CA VAL A 59 -24.36 -9.33 12.05
C VAL A 59 -23.01 -9.53 11.36
N PRO A 60 -22.12 -8.52 11.29
CA PRO A 60 -20.81 -8.71 10.66
C PRO A 60 -19.86 -9.56 11.51
N PHE A 61 -18.87 -10.16 10.86
CA PHE A 61 -17.70 -10.78 11.52
C PHE A 61 -16.51 -10.69 10.57
N LEU A 62 -15.37 -11.24 11.02
CA LEU A 62 -14.11 -11.34 10.25
C LEU A 62 -13.91 -12.78 9.78
N MET A 63 -13.45 -12.95 8.55
CA MET A 63 -13.02 -14.26 8.00
C MET A 63 -11.80 -14.74 8.79
N GLU A 64 -10.94 -13.81 9.22
CA GLU A 64 -9.64 -14.10 9.88
C GLU A 64 -9.87 -14.68 11.29
N ARG A 65 -10.83 -14.15 12.04
CA ARG A 65 -11.15 -14.62 13.42
C ARG A 65 -11.95 -15.91 13.37
N MET A 66 -12.76 -16.07 12.32
CA MET A 66 -13.75 -17.17 12.19
C MET A 66 -13.03 -18.50 11.90
N ILE A 67 -12.13 -18.48 10.91
CA ILE A 67 -11.36 -19.64 10.37
C ILE A 67 -9.94 -19.13 10.13
N PRO A 68 -9.09 -19.04 11.18
CA PRO A 68 -7.72 -18.51 11.04
C PRO A 68 -6.79 -19.22 10.04
N THR A 69 -5.73 -18.51 9.66
CA THR A 69 -4.56 -18.99 8.87
C THR A 69 -4.92 -19.27 7.42
N GLU A 70 -5.78 -20.25 7.16
CA GLU A 70 -6.21 -20.57 5.79
C GLU A 70 -7.73 -20.53 5.82
N MET A 71 -8.36 -20.01 4.77
CA MET A 71 -9.84 -20.02 4.68
C MET A 71 -10.32 -21.43 4.31
N THR A 72 -9.37 -22.33 4.05
CA THR A 72 -9.57 -23.80 4.00
C THR A 72 -9.50 -24.43 5.40
N GLY A 73 -9.09 -23.67 6.41
CA GLY A 73 -8.88 -24.15 7.78
C GLY A 73 -10.19 -24.52 8.48
N SER A 74 -10.09 -24.80 9.79
CA SER A 74 -11.20 -25.16 10.68
C SER A 74 -11.75 -23.89 11.33
N LEU A 75 -12.89 -24.00 12.02
CA LEU A 75 -13.56 -22.88 12.72
C LEU A 75 -12.90 -22.64 14.08
N ASP A 76 -12.79 -21.37 14.51
CA ASP A 76 -12.40 -21.05 15.91
C ASP A 76 -13.66 -21.27 16.75
N THR A 77 -13.58 -22.24 17.67
CA THR A 77 -14.73 -22.72 18.47
C THR A 77 -15.28 -21.49 19.21
N ALA A 78 -14.46 -20.85 20.06
CA ALA A 78 -14.86 -19.68 20.88
C ALA A 78 -15.61 -18.65 20.02
N TYR A 79 -14.90 -17.95 19.13
CA TYR A 79 -15.42 -16.83 18.30
C TYR A 79 -16.69 -17.22 17.54
N PHE A 80 -16.76 -18.44 17.01
CA PHE A 80 -17.95 -18.93 16.28
C PHE A 80 -19.06 -19.31 17.28
N GLU A 81 -18.68 -19.82 18.46
CA GLU A 81 -19.65 -20.15 19.54
C GLU A 81 -20.28 -18.83 19.98
N GLY A 82 -19.45 -17.82 20.24
CA GLY A 82 -19.87 -16.43 20.46
C GLY A 82 -20.83 -15.96 19.37
N TYR A 83 -20.45 -16.13 18.09
CA TYR A 83 -21.18 -15.61 16.90
C TYR A 83 -22.51 -16.35 16.72
N SER A 84 -22.53 -17.68 16.64
CA SER A 84 -23.77 -18.50 16.43
C SER A 84 -24.82 -18.16 17.51
N GLU A 85 -24.38 -17.95 18.77
CA GLU A 85 -25.24 -17.56 19.92
C GLU A 85 -26.11 -16.36 19.52
N VAL A 86 -25.55 -15.39 18.79
CA VAL A 86 -26.28 -14.14 18.40
C VAL A 86 -27.21 -14.46 17.23
N ILE A 87 -26.76 -15.26 16.27
CA ILE A 87 -27.53 -15.63 15.05
C ILE A 87 -28.73 -16.47 15.47
N ASN A 88 -28.56 -17.29 16.51
CA ASN A 88 -29.56 -18.30 16.92
C ASN A 88 -30.66 -17.59 17.75
N TYR A 89 -30.30 -16.65 18.63
CA TYR A 89 -31.26 -15.78 19.34
C TYR A 89 -32.19 -15.13 18.31
N ILE A 90 -31.61 -14.53 17.27
CA ILE A 90 -32.31 -13.75 16.22
C ILE A 90 -33.37 -14.63 15.55
N THR A 91 -32.94 -15.75 14.99
CA THR A 91 -33.78 -16.74 14.26
C THR A 91 -34.72 -17.40 15.27
N GLY A 92 -34.17 -17.80 16.42
CA GLY A 92 -34.93 -18.27 17.60
C GLY A 92 -36.23 -17.51 17.80
N LYS A 93 -36.29 -16.21 17.46
CA LYS A 93 -37.53 -15.38 17.53
C LYS A 93 -38.08 -15.11 16.13
N GLY A 94 -37.72 -15.96 15.17
CA GLY A 94 -38.32 -15.94 13.82
C GLY A 94 -37.98 -14.69 13.05
N ALA A 95 -36.79 -14.13 13.25
CA ALA A 95 -36.25 -13.02 12.43
C ALA A 95 -35.05 -13.53 11.61
N HIS A 96 -34.86 -12.95 10.41
CA HIS A 96 -33.81 -13.30 9.42
C HIS A 96 -32.47 -12.76 9.91
N ALA A 97 -31.41 -13.56 9.75
CA ALA A 97 -30.08 -13.32 10.37
C ALA A 97 -28.99 -13.38 9.30
N VAL A 98 -28.56 -12.24 8.78
CA VAL A 98 -27.61 -12.12 7.63
C VAL A 98 -26.17 -12.32 8.15
N VAL A 99 -25.55 -13.45 7.78
CA VAL A 99 -24.14 -13.85 8.09
C VAL A 99 -23.20 -13.12 7.12
N ASP A 100 -22.45 -12.14 7.66
CA ASP A 100 -21.73 -11.07 6.92
C ASP A 100 -20.24 -11.18 7.20
N PRO A 101 -19.47 -11.87 6.33
CA PRO A 101 -18.00 -11.85 6.40
C PRO A 101 -17.54 -10.47 5.91
N HIS A 102 -17.40 -9.55 6.86
CA HIS A 102 -17.25 -8.08 6.66
C HIS A 102 -15.81 -7.73 6.28
N ASN A 103 -15.27 -8.32 5.21
CA ASN A 103 -13.81 -8.42 4.98
C ASN A 103 -13.33 -7.66 3.73
N PHE A 104 -14.24 -7.20 2.88
CA PHE A 104 -13.97 -6.19 1.83
C PHE A 104 -13.26 -6.80 0.62
N GLY A 105 -13.43 -8.12 0.43
CA GLY A 105 -12.78 -8.92 -0.63
C GLY A 105 -11.40 -9.45 -0.25
N ARG A 106 -10.99 -9.24 1.02
CA ARG A 106 -9.58 -9.36 1.47
C ARG A 106 -9.44 -10.40 2.60
N TYR A 107 -8.36 -11.16 2.57
CA TYR A 107 -7.99 -12.14 3.61
C TYR A 107 -6.55 -11.87 4.08
N TYR A 108 -6.41 -11.28 5.28
CA TYR A 108 -5.14 -10.88 5.95
C TYR A 108 -4.46 -9.72 5.20
N GLY A 109 -5.25 -8.86 4.56
CA GLY A 109 -4.76 -7.77 3.69
C GLY A 109 -4.82 -8.09 2.21
N THR A 110 -4.75 -9.36 1.80
CA THR A 110 -4.66 -9.72 0.35
C THR A 110 -6.05 -9.87 -0.26
N PRO A 111 -6.35 -9.18 -1.39
CA PRO A 111 -7.55 -9.51 -2.17
C PRO A 111 -7.70 -11.02 -2.28
N ILE A 112 -8.87 -11.58 -1.95
CA ILE A 112 -9.14 -13.02 -2.22
C ILE A 112 -9.12 -13.15 -3.73
N SER A 113 -8.41 -14.15 -4.28
CA SER A 113 -8.40 -14.47 -5.74
C SER A 113 -8.83 -15.93 -5.99
N SER A 114 -8.45 -16.90 -5.13
CA SER A 114 -8.81 -18.32 -5.31
C SER A 114 -10.31 -18.50 -5.11
N THR A 115 -11.01 -19.08 -6.08
CA THR A 115 -12.47 -19.37 -5.96
C THR A 115 -12.65 -20.64 -5.11
N SER A 116 -11.84 -21.67 -5.36
CA SER A 116 -11.78 -22.92 -4.56
C SER A 116 -11.65 -22.60 -3.05
N ASP A 117 -10.60 -21.91 -2.58
CA ASP A 117 -10.47 -21.64 -1.12
C ASP A 117 -11.74 -20.91 -0.64
N PHE A 118 -12.17 -19.86 -1.32
CA PHE A 118 -13.34 -19.04 -0.92
C PHE A 118 -14.59 -19.91 -0.85
N GLN A 119 -14.82 -20.86 -1.78
CA GLN A 119 -15.96 -21.80 -1.63
C GLN A 119 -15.72 -22.73 -0.41
N THR A 120 -14.49 -23.17 -0.19
CA THR A 120 -14.17 -24.08 0.95
C THR A 120 -14.35 -23.30 2.25
N PHE A 121 -14.15 -21.99 2.21
CA PHE A 121 -14.49 -21.08 3.35
C PHE A 121 -16.01 -21.15 3.59
N TRP A 122 -16.82 -20.96 2.53
CA TRP A 122 -18.31 -20.91 2.58
C TRP A 122 -18.92 -22.24 3.03
N SER A 123 -18.66 -23.33 2.32
CA SER A 123 -19.08 -24.69 2.71
C SER A 123 -18.80 -24.97 4.18
N THR A 124 -17.72 -24.44 4.75
CA THR A 124 -17.36 -24.70 6.18
C THR A 124 -18.24 -23.83 7.07
N LEU A 125 -18.48 -22.58 6.69
CA LEU A 125 -19.34 -21.67 7.48
C LEU A 125 -20.80 -22.12 7.33
N ALA A 126 -21.31 -22.18 6.09
CA ALA A 126 -22.72 -22.52 5.78
C ALA A 126 -23.11 -23.87 6.40
N CYS A 127 -22.20 -24.85 6.37
CA CYS A 127 -22.43 -26.21 6.98
C CYS A 127 -23.14 -26.03 8.33
N GLN A 128 -22.61 -25.15 9.19
CA GLN A 128 -23.05 -24.95 10.60
C GLN A 128 -24.48 -24.40 10.68
N PHE A 129 -25.09 -24.04 9.55
CA PHE A 129 -26.39 -23.32 9.48
C PHE A 129 -27.33 -23.90 8.39
N LYS A 130 -27.05 -25.07 7.86
CA LYS A 130 -27.77 -25.56 6.65
C LYS A 130 -29.26 -25.81 6.92
N SER A 131 -29.62 -26.20 8.15
CA SER A 131 -31.01 -26.59 8.54
C SER A 131 -31.74 -25.43 9.24
N ASN A 132 -31.12 -24.25 9.33
CA ASN A 132 -31.74 -23.00 9.86
C ASN A 132 -32.30 -22.19 8.68
N ASP A 133 -33.54 -22.49 8.28
CA ASP A 133 -34.35 -21.75 7.26
C ASP A 133 -34.14 -20.23 7.29
N LEU A 134 -33.84 -19.64 8.47
CA LEU A 134 -33.95 -18.17 8.73
C LEU A 134 -32.63 -17.47 8.40
N VAL A 135 -31.52 -18.21 8.31
CA VAL A 135 -30.19 -17.59 8.04
C VAL A 135 -30.11 -17.22 6.56
N ILE A 136 -29.53 -16.05 6.28
CA ILE A 136 -29.22 -15.54 4.92
C ILE A 136 -27.71 -15.35 4.82
N PHE A 137 -27.11 -15.81 3.73
CA PHE A 137 -25.64 -15.71 3.55
C PHE A 137 -25.32 -14.49 2.67
N ASP A 138 -24.36 -13.69 3.16
CA ASP A 138 -23.81 -12.46 2.52
C ASP A 138 -22.36 -12.82 2.17
N THR A 139 -22.03 -12.90 0.88
CA THR A 139 -20.75 -13.50 0.39
C THR A 139 -19.51 -12.82 0.98
N ASN A 140 -19.54 -11.48 1.09
CA ASN A 140 -18.50 -10.60 1.67
C ASN A 140 -19.02 -9.16 1.61
N ASN A 141 -18.56 -8.30 2.54
CA ASN A 141 -18.89 -6.85 2.63
C ASN A 141 -17.96 -6.03 1.71
N GLU A 142 -18.54 -5.39 0.69
CA GLU A 142 -17.93 -4.25 -0.03
C GLU A 142 -16.65 -4.73 -0.72
N TYR A 143 -16.78 -5.52 -1.79
CA TYR A 143 -15.69 -5.77 -2.75
C TYR A 143 -15.29 -4.40 -3.32
N HIS A 144 -14.00 -4.10 -3.33
CA HIS A 144 -13.50 -2.78 -3.82
C HIS A 144 -12.14 -3.00 -4.46
N ASP A 145 -11.73 -2.07 -5.33
CA ASP A 145 -10.39 -2.03 -5.97
C ASP A 145 -9.92 -3.47 -6.26
N MET A 146 -10.75 -4.25 -6.97
CA MET A 146 -10.45 -5.60 -7.53
C MET A 146 -11.02 -5.68 -8.96
N ASP A 147 -10.70 -6.75 -9.68
CA ASP A 147 -11.23 -6.89 -11.05
C ASP A 147 -12.65 -7.40 -10.92
N GLU A 148 -13.55 -6.96 -11.80
CA GLU A 148 -14.97 -7.38 -11.85
C GLU A 148 -15.07 -8.91 -11.98
N SER A 149 -14.32 -9.51 -12.91
CA SER A 149 -14.35 -10.97 -13.19
C SER A 149 -14.15 -11.77 -11.90
N VAL A 150 -13.13 -11.40 -11.11
CA VAL A 150 -12.73 -12.09 -9.84
C VAL A 150 -13.89 -11.99 -8.85
N VAL A 151 -14.54 -10.82 -8.76
CA VAL A 151 -15.67 -10.55 -7.83
C VAL A 151 -16.85 -11.44 -8.21
N VAL A 152 -17.29 -11.39 -9.49
CA VAL A 152 -18.37 -12.27 -10.03
C VAL A 152 -18.05 -13.72 -9.66
N ALA A 153 -16.83 -14.19 -9.94
CA ALA A 153 -16.41 -15.59 -9.70
C ALA A 153 -16.36 -15.92 -8.21
N LEU A 154 -16.05 -14.93 -7.34
CA LEU A 154 -16.02 -15.15 -5.87
C LEU A 154 -17.47 -15.21 -5.36
N ASN A 155 -18.33 -14.35 -5.88
CA ASN A 155 -19.79 -14.44 -5.61
C ASN A 155 -20.28 -15.82 -6.05
N GLN A 156 -19.85 -16.31 -7.21
CA GLN A 156 -20.26 -17.65 -7.76
C GLN A 156 -19.74 -18.78 -6.87
N ALA A 157 -18.47 -18.73 -6.42
CA ALA A 157 -17.86 -19.77 -5.55
C ALA A 157 -18.64 -19.86 -4.24
N ALA A 158 -18.75 -18.76 -3.50
CA ALA A 158 -19.54 -18.63 -2.25
C ALA A 158 -20.83 -19.46 -2.39
N ILE A 159 -21.66 -19.11 -3.38
CA ILE A 159 -22.97 -19.77 -3.66
C ILE A 159 -22.78 -21.27 -3.64
N ASP A 160 -21.75 -21.74 -4.34
CA ASP A 160 -21.45 -23.17 -4.59
C ASP A 160 -21.08 -23.85 -3.27
N GLY A 161 -20.16 -23.29 -2.49
CA GLY A 161 -19.76 -23.92 -1.22
C GLY A 161 -20.96 -23.96 -0.30
N ILE A 162 -21.78 -22.91 -0.33
CA ILE A 162 -23.10 -22.77 0.39
C ILE A 162 -24.01 -23.95 0.06
N ARG A 163 -24.50 -24.01 -1.18
CA ARG A 163 -25.53 -24.99 -1.61
C ARG A 163 -24.92 -26.39 -1.43
N ASP A 164 -23.68 -26.58 -1.88
CA ASP A 164 -22.95 -27.88 -1.91
C ASP A 164 -22.90 -28.49 -0.51
N CYS A 165 -22.97 -27.65 0.53
CA CYS A 165 -22.94 -28.09 1.96
C CYS A 165 -24.36 -28.41 2.45
N GLY A 166 -25.40 -27.99 1.72
CA GLY A 166 -26.79 -28.46 1.93
C GLY A 166 -27.70 -27.40 2.52
N ALA A 167 -27.32 -26.14 2.35
CA ALA A 167 -28.09 -24.95 2.78
C ALA A 167 -28.77 -24.40 1.54
N THR A 168 -29.91 -25.02 1.18
CA THR A 168 -30.67 -24.83 -0.08
C THR A 168 -31.94 -24.02 0.20
N THR A 169 -32.23 -23.80 1.48
CA THR A 169 -33.43 -23.11 2.02
C THR A 169 -33.11 -21.61 2.18
N GLN A 170 -31.83 -21.24 2.26
CA GLN A 170 -31.40 -19.89 2.69
C GLN A 170 -31.13 -19.01 1.47
N TYR A 171 -31.65 -17.79 1.54
CA TYR A 171 -31.30 -16.62 0.70
C TYR A 171 -29.78 -16.37 0.79
N ILE A 172 -29.22 -16.13 -0.39
CA ILE A 172 -27.81 -15.70 -0.59
C ILE A 172 -27.87 -14.24 -1.05
N PHE A 173 -27.23 -13.39 -0.26
CA PHE A 173 -27.02 -11.96 -0.56
C PHE A 173 -25.69 -11.82 -1.29
N VAL A 174 -25.73 -11.30 -2.51
CA VAL A 174 -24.52 -11.04 -3.35
C VAL A 174 -24.21 -9.54 -3.24
N GLU A 175 -22.97 -9.18 -3.55
CA GLU A 175 -22.40 -7.83 -3.35
C GLU A 175 -21.46 -7.51 -4.51
N GLY A 176 -21.59 -6.28 -5.04
CA GLY A 176 -20.81 -5.73 -6.17
C GLY A 176 -19.39 -5.35 -5.76
N ASN A 177 -18.61 -4.90 -6.74
CA ASN A 177 -17.28 -4.24 -6.55
C ASN A 177 -17.60 -2.78 -6.20
N ALA A 178 -16.60 -1.90 -6.14
CA ALA A 178 -16.72 -0.47 -5.73
C ALA A 178 -17.62 -0.33 -4.49
N TYR A 179 -17.53 -1.28 -3.55
CA TYR A 179 -18.16 -1.23 -2.22
C TYR A 179 -19.66 -1.55 -2.34
N SER A 180 -20.01 -2.27 -3.42
CA SER A 180 -21.40 -2.70 -3.75
C SER A 180 -22.36 -1.53 -3.57
N GLY A 181 -22.00 -0.32 -3.99
CA GLY A 181 -22.85 0.88 -3.82
C GLY A 181 -23.90 0.99 -4.92
N ALA A 182 -25.10 1.48 -4.59
CA ALA A 182 -26.28 1.55 -5.48
C ALA A 182 -26.11 2.64 -6.54
N TRP A 183 -25.43 3.76 -6.19
CA TRP A 183 -25.22 4.91 -7.11
C TRP A 183 -24.25 4.58 -8.25
N THR A 184 -23.34 3.61 -8.06
CA THR A 184 -22.23 3.25 -8.99
C THR A 184 -22.45 1.84 -9.53
N TRP A 185 -23.66 1.28 -9.39
CA TRP A 185 -23.95 -0.13 -9.73
C TRP A 185 -23.86 -0.37 -11.24
N THR A 186 -24.19 0.62 -12.07
CA THR A 186 -24.22 0.45 -13.54
C THR A 186 -22.85 0.84 -14.11
N THR A 187 -22.15 1.79 -13.47
CA THR A 187 -20.73 2.13 -13.80
C THR A 187 -19.85 0.88 -13.79
N TYR A 188 -20.04 -0.03 -12.83
CA TYR A 188 -19.10 -1.14 -12.49
C TYR A 188 -19.77 -2.53 -12.52
N ASN A 189 -20.93 -2.75 -11.88
CA ASN A 189 -21.42 -4.10 -11.49
C ASN A 189 -22.43 -4.66 -12.51
N THR A 190 -22.46 -4.11 -13.72
CA THR A 190 -23.29 -4.60 -14.83
C THR A 190 -23.23 -6.13 -14.93
N ALA A 191 -22.05 -6.75 -14.70
CA ALA A 191 -21.75 -8.17 -15.04
C ALA A 191 -22.28 -9.14 -13.97
N MET A 192 -22.68 -8.63 -12.81
CA MET A 192 -23.19 -9.45 -11.68
C MET A 192 -24.49 -10.15 -12.10
N VAL A 193 -25.17 -9.65 -13.13
CA VAL A 193 -26.25 -10.36 -13.89
C VAL A 193 -26.03 -11.89 -13.94
N ASN A 194 -24.83 -12.36 -14.29
CA ASN A 194 -24.56 -13.74 -14.81
C ASN A 194 -24.62 -14.78 -13.68
N LEU A 195 -24.52 -14.40 -12.41
CA LEU A 195 -24.47 -15.34 -11.26
C LEU A 195 -25.74 -16.19 -11.21
N THR A 196 -25.63 -17.45 -10.76
CA THR A 196 -26.71 -18.48 -10.86
C THR A 196 -26.90 -19.23 -9.53
N ASP A 197 -28.11 -19.73 -9.27
CA ASP A 197 -28.45 -20.45 -8.01
C ASP A 197 -29.43 -21.59 -8.28
N PRO A 198 -29.07 -22.85 -7.96
CA PRO A 198 -29.97 -24.00 -8.07
C PRO A 198 -31.28 -23.87 -7.26
N SER A 199 -31.22 -23.22 -6.10
CA SER A 199 -32.39 -22.82 -5.25
C SER A 199 -33.04 -21.54 -5.79
N ASP A 200 -32.38 -20.79 -6.69
CA ASP A 200 -32.81 -19.45 -7.19
C ASP A 200 -33.27 -18.59 -6.01
N LEU A 201 -32.38 -18.32 -5.03
CA LEU A 201 -32.60 -17.42 -3.86
C LEU A 201 -31.50 -16.34 -3.81
N ILE A 202 -31.20 -15.67 -4.94
CA ILE A 202 -30.15 -14.61 -5.04
C ILE A 202 -30.81 -13.26 -4.79
N VAL A 203 -30.17 -12.38 -4.03
CA VAL A 203 -30.61 -10.96 -3.85
C VAL A 203 -29.35 -10.08 -3.93
N TYR A 204 -29.40 -9.01 -4.71
CA TYR A 204 -28.22 -8.12 -4.96
C TYR A 204 -28.15 -7.09 -3.83
N GLU A 205 -27.44 -7.41 -2.75
CA GLU A 205 -27.34 -6.51 -1.56
C GLU A 205 -26.43 -5.35 -1.96
N MET A 206 -26.98 -4.13 -1.93
CA MET A 206 -26.25 -2.86 -2.21
C MET A 206 -26.28 -1.99 -0.97
N HIS A 207 -25.30 -1.10 -0.82
CA HIS A 207 -25.23 -0.07 0.25
C HIS A 207 -25.52 1.30 -0.35
N GLN A 208 -26.10 2.23 0.41
CA GLN A 208 -26.18 3.64 -0.05
C GLN A 208 -26.10 4.60 1.13
N TYR A 209 -25.12 5.51 1.05
CA TYR A 209 -24.95 6.67 1.96
C TYR A 209 -25.12 7.95 1.13
N LEU A 210 -25.28 9.06 1.83
CA LEU A 210 -25.91 10.28 1.27
C LEU A 210 -24.97 11.46 1.46
N ASP A 211 -23.75 11.23 1.93
CA ASP A 211 -22.71 12.28 2.06
C ASP A 211 -22.13 12.53 0.65
N SER A 212 -21.23 13.52 0.51
CA SER A 212 -20.52 13.84 -0.76
C SER A 212 -20.12 12.54 -1.50
N ASP A 213 -19.23 11.75 -0.87
CA ASP A 213 -18.49 10.63 -1.51
C ASP A 213 -19.20 9.29 -1.29
N GLY A 214 -20.23 9.23 -0.44
CA GLY A 214 -20.97 7.99 -0.17
C GLY A 214 -20.18 7.05 0.72
N SER A 215 -19.19 7.57 1.44
CA SER A 215 -18.33 6.75 2.35
C SER A 215 -19.12 6.35 3.60
N GLY A 216 -20.10 7.17 4.02
CA GLY A 216 -20.84 7.03 5.29
C GLY A 216 -20.33 8.02 6.32
N THR A 217 -19.01 8.19 6.38
CA THR A 217 -18.23 8.88 7.45
C THR A 217 -18.89 10.20 7.93
N SER A 218 -19.83 10.82 7.18
CA SER A 218 -20.42 12.13 7.58
C SER A 218 -21.88 12.11 8.00
N ASP A 219 -22.26 13.01 8.91
CA ASP A 219 -23.66 13.20 9.36
C ASP A 219 -24.33 14.34 8.56
N GLN A 220 -23.67 14.88 7.51
CA GLN A 220 -24.24 15.87 6.56
C GLN A 220 -24.61 15.17 5.26
N CYS A 221 -25.83 15.39 4.77
CA CYS A 221 -26.29 14.82 3.48
C CYS A 221 -25.99 15.84 2.38
N VAL A 222 -25.80 15.38 1.13
CA VAL A 222 -25.67 16.26 -0.07
C VAL A 222 -26.90 17.16 -0.06
N SER A 223 -28.06 16.56 -0.30
CA SER A 223 -29.34 17.26 -0.41
C SER A 223 -30.39 16.40 0.28
N SER A 224 -31.63 16.91 0.24
CA SER A 224 -32.87 16.25 0.69
C SER A 224 -33.40 15.32 -0.41
N THR A 225 -32.80 15.27 -1.60
CA THR A 225 -33.29 14.41 -2.72
C THR A 225 -32.27 13.33 -3.08
N VAL A 226 -31.04 13.42 -2.56
CA VAL A 226 -29.87 12.66 -3.09
C VAL A 226 -30.14 11.16 -2.93
N GLY A 227 -30.92 10.80 -1.91
CA GLY A 227 -31.38 9.41 -1.65
C GLY A 227 -32.09 8.82 -2.85
N GLN A 228 -33.28 9.33 -3.17
CA GLN A 228 -34.06 8.84 -4.34
C GLN A 228 -33.19 8.93 -5.59
N GLU A 229 -32.35 9.97 -5.70
CA GLU A 229 -31.42 10.14 -6.86
C GLU A 229 -30.50 8.92 -6.96
N ARG A 230 -29.83 8.57 -5.85
CA ARG A 230 -28.73 7.58 -5.85
C ARG A 230 -29.23 6.13 -6.01
N VAL A 231 -30.53 5.87 -6.21
CA VAL A 231 -31.03 4.46 -6.35
C VAL A 231 -31.98 4.27 -7.55
N VAL A 232 -32.13 5.23 -8.47
CA VAL A 232 -32.97 5.03 -9.69
C VAL A 232 -32.25 4.05 -10.63
N ASP A 233 -30.97 4.29 -10.91
CA ASP A 233 -30.17 3.48 -11.88
C ASP A 233 -30.19 2.02 -11.44
N ALA A 234 -29.85 1.77 -10.17
CA ALA A 234 -29.75 0.42 -9.58
C ALA A 234 -31.12 -0.29 -9.65
N THR A 235 -32.21 0.48 -9.51
CA THR A 235 -33.61 -0.02 -9.50
C THR A 235 -33.96 -0.54 -10.89
N THR A 236 -33.96 0.33 -11.90
CA THR A 236 -34.26 -0.04 -13.31
C THR A 236 -33.45 -1.29 -13.67
N TRP A 237 -32.19 -1.37 -13.23
CA TRP A 237 -31.29 -2.53 -13.50
C TRP A 237 -31.97 -3.82 -13.04
N LEU A 238 -32.50 -3.82 -11.82
CA LEU A 238 -33.13 -5.01 -11.19
C LEU A 238 -34.44 -5.31 -11.92
N GLN A 239 -35.24 -4.27 -12.20
CA GLN A 239 -36.53 -4.39 -12.93
C GLN A 239 -36.22 -5.02 -14.30
N SER A 240 -35.35 -4.37 -15.08
CA SER A 240 -35.01 -4.70 -16.50
C SER A 240 -34.51 -6.14 -16.60
N ASN A 241 -33.58 -6.54 -15.73
CA ASN A 241 -32.89 -7.86 -15.76
C ASN A 241 -33.65 -8.88 -14.90
N GLY A 242 -34.76 -8.47 -14.28
CA GLY A 242 -35.67 -9.37 -13.52
C GLY A 242 -35.00 -9.92 -12.28
N LYS A 243 -34.41 -9.06 -11.45
CA LYS A 243 -33.64 -9.45 -10.23
C LYS A 243 -34.28 -8.87 -8.96
N LEU A 244 -33.87 -9.38 -7.80
CA LEU A 244 -34.25 -8.85 -6.47
C LEU A 244 -33.02 -8.20 -5.83
N GLY A 245 -33.23 -7.11 -5.09
CA GLY A 245 -32.17 -6.41 -4.34
C GLY A 245 -32.64 -6.01 -2.96
N ILE A 246 -31.69 -5.78 -2.05
CA ILE A 246 -31.92 -5.21 -0.70
C ILE A 246 -30.87 -4.14 -0.43
N LEU A 247 -31.26 -2.93 0.01
CA LEU A 247 -30.29 -1.94 0.54
C LEU A 247 -29.79 -2.47 1.90
N GLY A 248 -28.75 -3.30 1.86
CA GLY A 248 -28.03 -3.92 2.99
C GLY A 248 -27.66 -2.91 4.05
N GLU A 249 -26.94 -1.85 3.68
CA GLU A 249 -26.50 -0.76 4.58
C GLU A 249 -27.05 0.59 4.11
N PHE A 250 -27.49 1.42 5.04
CA PHE A 250 -27.85 2.82 4.77
C PHE A 250 -27.84 3.60 6.09
N ALA A 251 -27.81 4.93 6.00
CA ALA A 251 -27.98 5.84 7.16
C ALA A 251 -28.19 7.29 6.69
N GLY A 252 -28.60 8.12 7.64
CA GLY A 252 -28.67 9.58 7.56
C GLY A 252 -28.16 10.16 8.88
N GLY A 253 -27.67 11.40 8.87
CA GLY A 253 -27.24 12.11 10.09
C GLY A 253 -28.45 12.69 10.81
N ALA A 254 -28.30 13.03 12.09
CA ALA A 254 -29.44 13.42 12.97
C ALA A 254 -29.79 14.87 12.71
N ASN A 255 -30.45 15.12 11.57
CA ASN A 255 -30.77 16.49 11.09
C ASN A 255 -31.83 16.36 9.99
N SER A 256 -32.60 17.42 9.73
CA SER A 256 -33.77 17.36 8.83
C SER A 256 -33.35 16.82 7.46
N VAL A 257 -32.45 17.55 6.77
CA VAL A 257 -32.07 17.32 5.34
C VAL A 257 -31.81 15.83 5.16
N CYS A 258 -30.93 15.25 6.00
CA CYS A 258 -30.57 13.81 5.94
C CYS A 258 -31.81 12.91 6.02
N GLU A 259 -32.69 13.17 7.00
CA GLU A 259 -33.98 12.44 7.25
C GLU A 259 -34.87 12.49 6.00
N GLU A 260 -35.17 13.71 5.55
CA GLU A 260 -35.92 14.04 4.32
C GLU A 260 -35.50 13.13 3.16
N ALA A 261 -34.19 13.01 2.96
CA ALA A 261 -33.54 12.22 1.88
C ALA A 261 -33.66 10.72 2.12
N VAL A 262 -33.58 10.28 3.39
CA VAL A 262 -33.82 8.87 3.84
C VAL A 262 -35.27 8.47 3.56
N GLU A 263 -36.22 9.34 3.91
CA GLU A 263 -37.67 9.13 3.64
C GLU A 263 -37.89 9.05 2.13
N GLY A 264 -37.34 9.99 1.36
CA GLY A 264 -37.50 10.05 -0.11
C GLY A 264 -36.89 8.83 -0.81
N MET A 265 -35.68 8.43 -0.39
CA MET A 265 -34.96 7.23 -0.90
C MET A 265 -35.81 5.98 -0.64
N LEU A 266 -36.46 5.92 0.53
CA LEU A 266 -37.10 4.70 1.07
C LEU A 266 -38.51 4.55 0.49
N ASP A 267 -39.21 5.67 0.32
CA ASP A 267 -40.42 5.80 -0.55
C ASP A 267 -40.18 5.08 -1.87
N TYR A 268 -39.22 5.57 -2.65
CA TYR A 268 -38.88 5.07 -4.02
C TYR A 268 -38.66 3.56 -3.97
N LEU A 269 -37.94 3.05 -2.96
CA LEU A 269 -37.67 1.60 -2.82
C LEU A 269 -39.00 0.86 -2.58
N ALA A 270 -39.87 1.37 -1.71
CA ALA A 270 -41.20 0.77 -1.38
C ALA A 270 -42.14 0.82 -2.59
N GLU A 271 -42.12 1.92 -3.35
CA GLU A 271 -42.88 2.08 -4.61
C GLU A 271 -42.38 1.07 -5.65
N ASN A 272 -41.26 0.40 -5.34
CA ASN A 272 -40.54 -0.54 -6.24
C ASN A 272 -40.25 -1.82 -5.45
N SER A 273 -41.21 -2.28 -4.64
CA SER A 273 -41.06 -3.46 -3.74
C SER A 273 -41.15 -4.74 -4.57
N ASP A 274 -41.61 -4.64 -5.82
CA ASP A 274 -41.56 -5.74 -6.82
C ASP A 274 -40.10 -6.22 -6.99
N VAL A 275 -39.08 -5.39 -6.67
CA VAL A 275 -37.62 -5.71 -6.81
C VAL A 275 -36.82 -5.42 -5.53
N TRP A 276 -37.27 -4.47 -4.69
CA TRP A 276 -36.62 -4.15 -3.39
C TRP A 276 -37.30 -4.93 -2.26
N LEU A 277 -36.62 -5.92 -1.69
CA LEU A 277 -37.19 -6.81 -0.65
C LEU A 277 -37.06 -6.19 0.74
N GLY A 278 -36.20 -5.18 0.93
CA GLY A 278 -36.03 -4.61 2.28
C GLY A 278 -34.83 -3.69 2.38
N ALA A 279 -34.41 -3.45 3.62
CA ALA A 279 -33.30 -2.54 3.97
C ALA A 279 -32.86 -2.80 5.42
N SER A 280 -31.67 -2.32 5.81
CA SER A 280 -31.18 -2.42 7.21
C SER A 280 -30.19 -1.29 7.51
N TRP A 281 -30.61 -0.36 8.37
CA TRP A 281 -29.78 0.71 8.99
C TRP A 281 -28.37 0.22 9.28
N TRP A 282 -27.37 1.06 9.00
CA TRP A 282 -26.05 0.99 9.67
C TRP A 282 -25.92 2.07 10.75
N SER A 283 -25.73 1.69 12.03
CA SER A 283 -25.68 0.33 12.53
C SER A 283 -26.14 0.34 13.98
N ALA A 284 -26.72 -0.77 14.47
CA ALA A 284 -26.96 -1.06 15.91
C ALA A 284 -25.72 -1.72 16.49
N GLY A 285 -25.56 -1.73 17.82
CA GLY A 285 -24.50 -2.55 18.46
C GLY A 285 -23.86 -1.90 19.67
N PRO A 286 -23.33 -2.72 20.62
CA PRO A 286 -23.03 -2.25 21.97
C PRO A 286 -21.99 -1.13 22.07
N TRP A 287 -21.01 -1.07 21.17
CA TRP A 287 -19.78 -0.26 21.33
C TRP A 287 -19.79 0.98 20.41
N TRP A 288 -20.89 1.24 19.70
CA TRP A 288 -21.06 2.43 18.84
C TRP A 288 -20.95 3.70 19.70
N GLN A 289 -21.53 3.70 20.91
CA GLN A 289 -21.55 4.87 21.84
C GLN A 289 -22.19 6.06 21.12
N ASP A 290 -21.41 7.11 20.87
CA ASP A 290 -21.84 8.47 20.43
C ASP A 290 -21.76 8.57 18.90
N TYR A 291 -21.57 7.45 18.21
CA TYR A 291 -21.63 7.26 16.74
C TYR A 291 -22.79 8.07 16.12
N ILE A 292 -22.50 8.82 15.07
CA ILE A 292 -23.50 9.59 14.26
C ILE A 292 -24.67 8.69 13.84
N TYR A 293 -24.46 7.38 13.61
CA TYR A 293 -25.44 6.46 12.96
C TYR A 293 -25.87 5.33 13.91
N SER A 294 -25.72 5.49 15.23
CA SER A 294 -26.00 4.42 16.22
C SER A 294 -27.51 4.26 16.38
N MET A 295 -28.02 3.05 16.14
CA MET A 295 -29.44 2.65 16.31
C MET A 295 -29.58 1.84 17.59
N GLU A 296 -28.49 1.61 18.33
CA GLU A 296 -28.53 0.86 19.60
C GLU A 296 -29.27 1.66 20.67
N PRO A 297 -30.32 1.11 21.32
CA PRO A 297 -30.97 1.80 22.43
C PRO A 297 -30.15 1.65 23.70
N PRO A 298 -30.38 2.50 24.73
CA PRO A 298 -31.51 3.43 24.74
C PRO A 298 -31.24 4.80 24.12
N ASN A 299 -29.97 5.17 23.93
CA ASN A 299 -29.52 6.57 23.65
C ASN A 299 -28.69 6.65 22.35
N GLY A 300 -28.76 5.66 21.45
CA GLY A 300 -28.14 5.76 20.12
C GLY A 300 -28.77 6.88 19.31
N ILE A 301 -27.94 7.75 18.68
CA ILE A 301 -28.37 8.99 17.98
C ILE A 301 -29.39 8.68 16.88
N ALA A 302 -29.19 7.62 16.09
CA ALA A 302 -30.14 7.27 15.01
C ALA A 302 -31.38 6.59 15.63
N TYR A 303 -31.24 6.00 16.82
CA TYR A 303 -32.37 5.46 17.63
C TYR A 303 -33.36 6.56 17.97
N GLU A 304 -32.89 7.59 18.68
CA GLU A 304 -33.69 8.78 19.08
C GLU A 304 -34.18 9.55 17.84
N SER A 305 -33.46 9.45 16.72
CA SER A 305 -33.65 10.29 15.51
C SER A 305 -34.52 9.56 14.49
N TYR A 306 -34.13 8.35 14.08
CA TYR A 306 -34.69 7.67 12.89
C TYR A 306 -35.69 6.58 13.27
N LEU A 307 -35.63 6.01 14.49
CA LEU A 307 -36.44 4.79 14.76
C LEU A 307 -37.91 5.06 14.46
N SER A 308 -38.43 6.24 14.81
CA SER A 308 -39.86 6.60 14.59
C SER A 308 -40.15 6.71 13.08
N ILE A 309 -39.13 6.99 12.28
CA ILE A 309 -39.27 7.19 10.81
C ILE A 309 -39.28 5.81 10.13
N LEU A 310 -38.38 4.93 10.57
CA LEU A 310 -38.19 3.58 9.95
C LEU A 310 -39.41 2.70 10.24
N GLU A 311 -40.03 2.82 11.43
CA GLU A 311 -41.20 1.99 11.82
C GLU A 311 -42.48 2.50 11.12
N THR A 312 -42.35 3.42 10.17
CA THR A 312 -43.39 3.87 9.21
C THR A 312 -43.51 2.90 8.03
N TYR A 313 -42.50 2.03 7.81
CA TYR A 313 -42.40 1.11 6.64
C TYR A 313 -42.48 -0.36 7.08
N PHE A 314 -42.77 -0.65 8.35
CA PHE A 314 -42.66 -2.01 8.95
C PHE A 314 -43.94 -2.82 8.72
N ALA B 10 -6.82 5.09 24.22
CA ALA B 10 -5.80 4.01 24.44
C ALA B 10 -4.56 4.27 23.55
N SER B 11 -3.64 3.29 23.50
CA SER B 11 -2.29 3.35 22.88
C SER B 11 -2.33 3.97 21.47
N SER B 12 -1.36 4.84 21.16
CA SER B 12 -1.08 5.40 19.81
C SER B 12 0.02 4.57 19.12
N PHE B 13 0.89 3.93 19.91
CA PHE B 13 2.03 3.08 19.49
C PHE B 13 1.92 1.69 20.15
N GLU B 14 2.64 0.71 19.61
CA GLU B 14 2.75 -0.62 20.25
C GLU B 14 3.62 -0.47 21.50
N TRP B 15 4.79 0.18 21.37
CA TRP B 15 5.81 0.32 22.44
C TRP B 15 6.05 1.80 22.81
N PHE B 16 6.28 2.07 24.08
CA PHE B 16 6.79 3.37 24.57
C PHE B 16 7.40 3.19 25.95
N GLY B 17 8.71 3.46 26.08
CA GLY B 17 9.41 3.24 27.34
C GLY B 17 10.62 4.14 27.45
N SER B 18 11.67 3.62 28.06
CA SER B 18 12.92 4.37 28.35
C SER B 18 14.11 3.43 28.37
N ASN B 19 15.25 3.93 27.94
CA ASN B 19 16.57 3.29 28.16
C ASN B 19 16.86 3.28 29.66
N GLU B 20 17.35 2.17 30.20
CA GLU B 20 17.86 2.00 31.61
C GLU B 20 19.38 1.77 31.57
N SER B 21 20.14 2.78 31.96
CA SER B 21 21.60 2.86 31.74
C SER B 21 22.37 2.79 33.07
N GLY B 22 23.58 2.23 33.01
CA GLY B 22 24.48 2.04 34.16
C GLY B 22 25.49 0.95 33.87
N ALA B 23 25.06 -0.06 33.11
CA ALA B 23 25.85 -1.27 32.81
C ALA B 23 26.76 -1.01 31.62
N GLU B 24 26.60 0.13 30.93
CA GLU B 24 27.49 0.59 29.83
C GLU B 24 28.42 1.69 30.35
N PHE B 25 28.47 1.93 31.66
CA PHE B 25 29.17 3.11 32.23
C PHE B 25 30.65 2.76 32.44
N GLY B 26 31.50 3.79 32.56
CA GLY B 26 32.95 3.71 32.87
C GLY B 26 33.71 2.85 31.86
N SER B 27 33.25 2.83 30.60
CA SER B 27 33.71 1.90 29.54
C SER B 27 35.23 1.96 29.37
N GLY B 28 35.89 2.97 29.96
CA GLY B 28 37.36 3.03 30.05
C GLY B 28 37.91 1.87 30.86
N ASN B 29 37.20 1.45 31.90
CA ASN B 29 37.58 0.35 32.82
C ASN B 29 36.85 -0.94 32.42
N ILE B 30 37.51 -1.79 31.63
CA ILE B 30 37.10 -3.20 31.37
C ILE B 30 38.04 -4.12 32.14
N PRO B 31 37.54 -5.12 32.91
CA PRO B 31 36.09 -5.27 33.13
C PRO B 31 35.51 -4.11 33.97
N GLY B 32 36.38 -3.30 34.56
CA GLY B 32 36.01 -2.35 35.62
C GLY B 32 35.39 -3.13 36.76
N VAL B 33 35.11 -2.44 37.87
CA VAL B 33 34.57 -3.03 39.11
C VAL B 33 33.09 -2.64 39.20
N GLU B 34 32.22 -3.57 39.56
CA GLU B 34 30.80 -3.25 39.83
C GLU B 34 30.69 -2.55 41.19
N GLY B 35 29.87 -1.50 41.25
CA GLY B 35 29.72 -0.60 42.41
C GLY B 35 30.55 0.67 42.27
N THR B 36 31.55 0.68 41.38
CA THR B 36 32.50 1.82 41.27
C THR B 36 32.46 2.42 39.85
N ASP B 37 32.68 1.61 38.82
CA ASP B 37 32.72 2.08 37.40
C ASP B 37 31.33 1.97 36.77
N TYR B 38 30.54 0.98 37.21
CA TYR B 38 29.19 0.67 36.65
C TYR B 38 28.24 0.14 37.74
N THR B 39 26.96 0.16 37.41
CA THR B 39 25.87 -0.51 38.17
C THR B 39 24.78 -0.95 37.19
N PHE B 40 23.87 -1.75 37.72
CA PHE B 40 22.69 -2.21 36.96
C PHE B 40 21.57 -1.27 37.34
N PRO B 41 20.56 -1.11 36.47
CA PRO B 41 19.37 -0.37 36.83
C PRO B 41 18.75 -0.87 38.14
N ASN B 42 17.90 -0.03 38.71
CA ASN B 42 17.19 -0.15 40.00
C ASN B 42 15.75 -0.58 39.68
N THR B 43 15.40 -1.84 39.93
CA THR B 43 14.08 -2.44 39.59
C THR B 43 12.95 -1.67 40.31
N THR B 44 13.19 -1.28 41.57
CA THR B 44 12.25 -0.43 42.35
C THR B 44 11.86 0.73 41.43
N ALA B 45 12.85 1.42 40.84
CA ALA B 45 12.66 2.61 39.99
C ALA B 45 12.06 2.20 38.62
N ILE B 46 12.41 1.02 38.10
CA ILE B 46 11.82 0.56 36.82
C ILE B 46 10.32 0.51 37.04
N GLN B 47 9.92 -0.08 38.18
CA GLN B 47 8.49 -0.26 38.58
C GLN B 47 7.74 1.06 38.38
N ILE B 48 8.24 2.15 38.96
CA ILE B 48 7.55 3.48 38.92
C ILE B 48 7.23 3.89 37.46
N LEU B 49 8.05 3.50 36.46
CA LEU B 49 7.79 3.81 35.01
C LEU B 49 6.87 2.76 34.37
N ILE B 50 6.82 1.53 34.90
CA ILE B 50 5.81 0.52 34.50
C ILE B 50 4.42 0.98 34.97
N ASP B 51 4.26 1.21 36.28
CA ASP B 51 2.99 1.67 36.92
C ASP B 51 2.38 2.78 36.05
N ALA B 52 3.23 3.64 35.47
CA ALA B 52 2.90 4.96 34.86
C ALA B 52 2.44 4.82 33.41
N GLY B 53 2.83 3.74 32.72
CA GLY B 53 2.30 3.34 31.40
C GLY B 53 3.37 2.87 30.41
N MET B 54 4.60 2.61 30.86
CA MET B 54 5.74 2.35 29.93
C MET B 54 5.94 0.85 29.72
N ASN B 55 5.63 0.38 28.51
CA ASN B 55 5.57 -1.06 28.16
C ASN B 55 6.88 -1.54 27.51
N ILE B 56 7.97 -0.77 27.54
CA ILE B 56 9.25 -1.25 26.95
C ILE B 56 10.43 -0.51 27.57
N PHE B 57 11.54 -1.24 27.79
CA PHE B 57 12.81 -0.75 28.41
C PHE B 57 14.05 -1.37 27.75
N ARG B 58 14.96 -0.53 27.25
CA ARG B 58 16.23 -0.93 26.59
C ARG B 58 17.38 -0.79 27.58
N VAL B 59 18.14 -1.87 27.78
CA VAL B 59 19.13 -1.96 28.89
C VAL B 59 20.52 -2.12 28.28
N PRO B 60 21.24 -1.01 28.01
CA PRO B 60 22.67 -1.02 27.71
C PRO B 60 23.53 -1.94 28.60
N PHE B 61 24.34 -2.80 27.97
CA PHE B 61 25.55 -3.43 28.56
C PHE B 61 26.71 -3.24 27.56
N LEU B 62 27.90 -3.64 28.00
CA LEU B 62 29.18 -3.65 27.24
C LEU B 62 29.52 -5.08 26.81
N MET B 63 29.79 -5.29 25.52
CA MET B 63 30.20 -6.62 24.98
C MET B 63 31.41 -7.15 25.77
N GLU B 64 32.27 -6.27 26.29
CA GLU B 64 33.61 -6.68 26.82
C GLU B 64 33.48 -7.26 28.24
N ARG B 65 32.54 -6.78 29.05
CA ARG B 65 32.28 -7.27 30.43
C ARG B 65 31.32 -8.47 30.43
N MET B 66 30.63 -8.71 29.31
CA MET B 66 29.57 -9.74 29.14
C MET B 66 30.21 -11.05 28.67
N ILE B 67 31.16 -10.95 27.73
CA ILE B 67 31.93 -12.08 27.13
C ILE B 67 33.37 -11.60 27.00
N PRO B 68 34.17 -11.56 28.09
CA PRO B 68 35.50 -10.92 28.05
C PRO B 68 36.54 -11.61 27.16
N THR B 69 37.55 -10.84 26.74
CA THR B 69 38.72 -11.27 25.94
C THR B 69 38.43 -11.55 24.47
N GLU B 70 37.47 -12.42 24.16
CA GLU B 70 37.11 -12.80 22.77
C GLU B 70 35.58 -12.80 22.78
N MET B 71 34.97 -12.56 21.63
CA MET B 71 33.50 -12.50 21.53
C MET B 71 32.96 -13.90 21.19
N THR B 72 33.86 -14.85 20.92
CA THR B 72 33.54 -16.30 20.73
C THR B 72 33.66 -17.08 22.06
N GLY B 73 33.90 -16.40 23.20
CA GLY B 73 34.19 -17.02 24.50
C GLY B 73 32.98 -17.17 25.44
N SER B 74 33.30 -17.42 26.73
CA SER B 74 32.36 -17.68 27.86
C SER B 74 31.67 -16.38 28.27
N LEU B 75 30.42 -16.46 28.75
CA LEU B 75 29.70 -15.35 29.44
C LEU B 75 30.43 -15.07 30.76
N ASP B 76 30.46 -13.81 31.17
CA ASP B 76 30.95 -13.42 32.53
C ASP B 76 29.79 -13.69 33.48
N THR B 77 29.87 -14.77 34.26
CA THR B 77 28.72 -15.29 35.05
C THR B 77 28.18 -14.09 35.86
N ALA B 78 29.01 -13.50 36.73
CA ALA B 78 28.63 -12.38 37.63
C ALA B 78 27.93 -11.26 36.84
N TYR B 79 28.65 -10.61 35.92
CA TYR B 79 28.13 -9.47 35.12
C TYR B 79 26.81 -9.87 34.45
N PHE B 80 26.69 -11.12 34.03
CA PHE B 80 25.47 -11.59 33.31
C PHE B 80 24.34 -11.87 34.32
N GLU B 81 24.69 -12.49 35.45
CA GLU B 81 23.71 -12.79 36.55
C GLU B 81 23.07 -11.46 36.95
N GLY B 82 23.90 -10.42 37.12
CA GLY B 82 23.44 -9.03 37.28
C GLY B 82 22.51 -8.60 36.16
N TYR B 83 22.91 -8.77 34.89
CA TYR B 83 22.19 -8.20 33.71
C TYR B 83 20.85 -8.92 33.50
N SER B 84 20.86 -10.26 33.54
CA SER B 84 19.65 -11.10 33.41
C SER B 84 18.61 -10.72 34.47
N GLU B 85 19.07 -10.38 35.68
CA GLU B 85 18.18 -10.00 36.81
C GLU B 85 17.24 -8.88 36.36
N VAL B 86 17.77 -7.84 35.71
CA VAL B 86 16.99 -6.61 35.33
C VAL B 86 16.01 -6.97 34.20
N ILE B 87 16.46 -7.75 33.21
CA ILE B 87 15.69 -8.23 32.02
C ILE B 87 14.55 -9.14 32.50
N ASN B 88 14.76 -9.83 33.62
CA ASN B 88 13.82 -10.90 34.10
C ASN B 88 12.73 -10.24 34.94
N TYR B 89 13.05 -9.17 35.67
CA TYR B 89 12.05 -8.29 36.34
C TYR B 89 11.14 -7.65 35.28
N ILE B 90 11.74 -7.04 34.25
CA ILE B 90 11.03 -6.28 33.19
C ILE B 90 9.95 -7.17 32.56
N THR B 91 10.38 -8.28 31.94
CA THR B 91 9.52 -9.33 31.32
C THR B 91 8.63 -9.96 32.39
N GLY B 92 9.19 -10.17 33.59
CA GLY B 92 8.45 -10.49 34.83
C GLY B 92 7.08 -9.82 34.84
N LYS B 93 7.01 -8.50 34.59
CA LYS B 93 5.75 -7.70 34.69
C LYS B 93 5.11 -7.53 33.31
N GLY B 94 5.47 -8.35 32.32
CA GLY B 94 4.82 -8.33 31.00
C GLY B 94 5.36 -7.24 30.10
N ALA B 95 6.53 -6.68 30.42
CA ALA B 95 7.13 -5.58 29.64
C ALA B 95 8.30 -6.10 28.81
N HIS B 96 8.51 -5.50 27.64
CA HIS B 96 9.58 -5.86 26.66
C HIS B 96 10.93 -5.36 27.16
N ALA B 97 11.95 -6.20 27.09
CA ALA B 97 13.32 -5.93 27.59
C ALA B 97 14.32 -5.95 26.44
N VAL B 98 14.73 -4.79 25.92
CA VAL B 98 15.73 -4.70 24.82
C VAL B 98 17.16 -4.92 25.37
N VAL B 99 17.77 -6.04 24.98
CA VAL B 99 19.21 -6.38 25.20
C VAL B 99 20.10 -5.56 24.23
N ASP B 100 20.80 -4.53 24.74
CA ASP B 100 21.49 -3.44 24.01
C ASP B 100 23.00 -3.55 24.20
N PRO B 101 23.74 -4.26 23.30
CA PRO B 101 25.20 -4.31 23.37
C PRO B 101 25.75 -2.93 22.97
N HIS B 102 25.91 -2.05 23.96
CA HIS B 102 26.16 -0.59 23.77
C HIS B 102 27.63 -0.36 23.46
N ASN B 103 28.11 -0.81 22.28
CA ASN B 103 29.57 -0.89 21.97
C ASN B 103 29.99 -0.09 20.74
N PHE B 104 29.06 0.27 19.85
CA PHE B 104 29.25 1.21 18.71
C PHE B 104 29.91 0.58 17.50
N GLY B 105 29.74 -0.73 17.30
CA GLY B 105 30.38 -1.51 16.23
C GLY B 105 31.80 -1.91 16.60
N ARG B 106 32.20 -1.67 17.85
CA ARG B 106 33.59 -1.86 18.33
C ARG B 106 33.66 -2.95 19.42
N TYR B 107 34.72 -3.76 19.38
CA TYR B 107 35.10 -4.76 20.41
C TYR B 107 36.53 -4.47 20.91
N TYR B 108 36.64 -3.84 22.08
CA TYR B 108 37.90 -3.47 22.79
C TYR B 108 38.57 -2.26 22.12
N GLY B 109 37.88 -1.60 21.18
CA GLY B 109 38.37 -0.42 20.44
C GLY B 109 38.42 -0.62 18.94
N THR B 110 38.61 -1.86 18.48
CA THR B 110 38.69 -2.21 17.03
C THR B 110 37.28 -2.29 16.48
N PRO B 111 37.00 -1.73 15.29
CA PRO B 111 35.76 -2.04 14.60
C PRO B 111 35.59 -3.58 14.54
N ILE B 112 34.35 -4.07 14.68
CA ILE B 112 34.02 -5.51 14.51
C ILE B 112 34.06 -5.76 13.01
N SER B 113 34.66 -6.87 12.58
CA SER B 113 34.81 -7.24 11.16
C SER B 113 34.58 -8.74 10.90
N SER B 114 34.51 -9.61 11.93
CA SER B 114 34.24 -11.07 11.74
C SER B 114 32.75 -11.36 11.96
N THR B 115 31.99 -11.57 10.88
CA THR B 115 30.55 -11.96 10.94
C THR B 115 30.45 -13.22 11.82
N SER B 116 31.36 -14.18 11.61
CA SER B 116 31.39 -15.49 12.32
C SER B 116 31.52 -15.27 13.84
N ASP B 117 32.51 -14.48 14.31
CA ASP B 117 32.72 -14.25 15.77
C ASP B 117 31.49 -13.49 16.34
N PHE B 118 30.95 -12.54 15.57
CA PHE B 118 29.79 -11.74 15.98
C PHE B 118 28.56 -12.64 16.14
N GLN B 119 28.20 -13.37 15.09
CA GLN B 119 27.16 -14.44 15.15
C GLN B 119 27.39 -15.28 16.41
N THR B 120 28.59 -15.85 16.60
CA THR B 120 28.93 -16.68 17.78
C THR B 120 28.68 -15.84 19.05
N PHE B 121 29.07 -14.56 19.08
CA PHE B 121 28.79 -13.66 20.23
C PHE B 121 27.27 -13.64 20.49
N TRP B 122 26.43 -13.56 19.45
CA TRP B 122 24.94 -13.49 19.57
C TRP B 122 24.35 -14.84 20.03
N SER B 123 24.52 -15.91 19.26
CA SER B 123 24.16 -17.27 19.70
C SER B 123 24.47 -17.46 21.20
N THR B 124 25.64 -17.05 21.68
CA THR B 124 26.01 -17.30 23.11
C THR B 124 25.15 -16.42 24.02
N LEU B 125 24.83 -15.20 23.60
CA LEU B 125 24.01 -14.25 24.39
C LEU B 125 22.54 -14.65 24.21
N ALA B 126 22.04 -14.73 22.97
CA ALA B 126 20.63 -14.99 22.63
C ALA B 126 20.19 -16.32 23.27
N CYS B 127 21.13 -17.25 23.43
CA CYS B 127 20.88 -18.58 24.06
C CYS B 127 20.21 -18.43 25.44
N GLN B 128 20.64 -17.47 26.25
CA GLN B 128 20.15 -17.40 27.66
C GLN B 128 18.71 -16.86 27.70
N PHE B 129 18.09 -16.54 26.55
CA PHE B 129 16.76 -15.88 26.47
C PHE B 129 15.84 -16.49 25.40
N LYS B 130 16.15 -17.67 24.87
CA LYS B 130 15.45 -18.15 23.65
C LYS B 130 13.93 -18.29 23.90
N SER B 131 13.52 -18.75 25.08
CA SER B 131 12.08 -18.97 25.43
C SER B 131 11.53 -17.83 26.32
N ASN B 132 11.87 -16.56 26.04
CA ASN B 132 11.26 -15.36 26.68
C ASN B 132 10.70 -14.45 25.56
N ASP B 133 9.44 -14.66 25.20
CA ASP B 133 8.67 -13.91 24.17
C ASP B 133 8.87 -12.39 24.24
N LEU B 134 9.11 -11.84 25.45
CA LEU B 134 9.06 -10.39 25.75
C LEU B 134 10.39 -9.69 25.48
N VAL B 135 11.49 -10.44 25.39
CA VAL B 135 12.86 -9.90 25.14
C VAL B 135 12.97 -9.56 23.65
N ILE B 136 13.68 -8.47 23.35
CA ILE B 136 13.96 -7.94 21.98
C ILE B 136 15.47 -7.71 21.87
N PHE B 137 16.14 -8.38 20.94
CA PHE B 137 17.61 -8.27 20.75
C PHE B 137 17.92 -7.05 19.87
N ASP B 138 18.95 -6.31 20.28
CA ASP B 138 19.46 -5.09 19.59
C ASP B 138 20.91 -5.39 19.21
N THR B 139 21.19 -5.49 17.91
CA THR B 139 22.41 -6.16 17.36
C THR B 139 23.69 -5.48 17.89
N ASN B 140 23.70 -4.15 17.90
CA ASN B 140 24.70 -3.26 18.56
C ASN B 140 24.20 -1.82 18.51
N ASN B 141 24.69 -0.99 19.43
CA ASN B 141 24.33 0.44 19.57
C ASN B 141 25.19 1.32 18.65
N GLU B 142 24.64 1.77 17.53
CA GLU B 142 25.17 2.91 16.74
C GLU B 142 26.46 2.51 16.03
N TYR B 143 26.35 1.80 14.90
CA TYR B 143 27.48 1.63 13.96
C TYR B 143 27.83 3.03 13.41
N HIS B 144 29.05 3.49 13.64
CA HIS B 144 29.61 4.75 13.05
C HIS B 144 30.97 4.45 12.43
N ASP B 145 31.49 5.39 11.64
CA ASP B 145 32.83 5.41 10.97
C ASP B 145 33.27 3.98 10.61
N MET B 146 32.47 3.30 9.79
CA MET B 146 32.64 1.88 9.40
C MET B 146 32.07 1.70 8.00
N ASP B 147 32.28 0.56 7.35
CA ASP B 147 31.78 0.42 5.96
C ASP B 147 30.36 -0.15 6.04
N GLU B 148 29.46 0.41 5.23
CA GLU B 148 28.01 0.06 5.18
C GLU B 148 27.88 -1.46 5.05
N SER B 149 28.48 -2.01 3.99
CA SER B 149 28.51 -3.46 3.64
C SER B 149 28.75 -4.30 4.91
N VAL B 150 29.86 -4.04 5.62
CA VAL B 150 30.27 -4.73 6.88
C VAL B 150 29.10 -4.66 7.86
N VAL B 151 28.59 -3.45 8.11
CA VAL B 151 27.50 -3.21 9.12
C VAL B 151 26.26 -4.04 8.72
N VAL B 152 25.79 -3.95 7.47
CA VAL B 152 24.70 -4.83 6.96
C VAL B 152 25.04 -6.26 7.35
N ALA B 153 26.22 -6.74 6.94
CA ALA B 153 26.70 -8.14 7.15
C ALA B 153 26.74 -8.49 8.65
N LEU B 154 27.06 -7.51 9.52
CA LEU B 154 27.07 -7.66 11.00
C LEU B 154 25.62 -7.79 11.50
N ASN B 155 24.71 -6.94 11.02
CA ASN B 155 23.27 -7.06 11.37
C ASN B 155 22.80 -8.46 10.94
N GLN B 156 23.19 -8.94 9.75
CA GLN B 156 22.72 -10.24 9.21
C GLN B 156 23.22 -11.42 10.03
N ALA B 157 24.45 -11.34 10.55
CA ALA B 157 25.10 -12.36 11.42
C ALA B 157 24.41 -12.42 12.79
N ALA B 158 24.18 -11.27 13.41
CA ALA B 158 23.39 -11.12 14.65
C ALA B 158 22.09 -11.91 14.50
N ILE B 159 21.25 -11.55 13.52
CA ILE B 159 19.96 -12.24 13.22
C ILE B 159 20.23 -13.74 13.21
N ASP B 160 21.11 -14.19 12.31
CA ASP B 160 21.43 -15.64 12.13
C ASP B 160 21.85 -16.24 13.47
N GLY B 161 22.87 -15.66 14.10
CA GLY B 161 23.40 -16.07 15.42
C GLY B 161 22.33 -16.10 16.50
N ILE B 162 21.34 -15.19 16.46
CA ILE B 162 20.12 -15.22 17.35
C ILE B 162 19.25 -16.42 16.95
N ARG B 163 18.61 -16.39 15.77
CA ARG B 163 17.66 -17.44 15.32
C ARG B 163 18.28 -18.83 15.50
N ASP B 164 19.54 -19.02 15.11
CA ASP B 164 20.19 -20.36 15.10
C ASP B 164 20.12 -20.99 16.49
N CYS B 165 20.42 -20.23 17.55
CA CYS B 165 20.54 -20.75 18.95
C CYS B 165 19.20 -21.30 19.46
N GLY B 166 18.07 -20.64 19.16
CA GLY B 166 16.70 -21.08 19.57
C GLY B 166 15.71 -19.95 19.80
N ALA B 167 16.19 -18.70 19.88
CA ALA B 167 15.40 -17.48 20.17
C ALA B 167 14.68 -17.01 18.90
N THR B 168 13.52 -17.59 18.56
CA THR B 168 12.78 -17.37 17.29
C THR B 168 11.44 -16.68 17.54
N THR B 169 11.12 -16.40 18.80
CA THR B 169 9.85 -15.75 19.24
C THR B 169 10.10 -14.26 19.50
N GLN B 170 11.33 -13.79 19.28
CA GLN B 170 11.81 -12.46 19.72
C GLN B 170 11.98 -11.58 18.48
N TYR B 171 11.55 -10.31 18.57
CA TYR B 171 11.85 -9.23 17.61
C TYR B 171 13.35 -8.88 17.68
N ILE B 172 13.93 -8.53 16.54
CA ILE B 172 15.34 -8.09 16.45
C ILE B 172 15.36 -6.62 16.01
N PHE B 173 16.02 -5.80 16.83
CA PHE B 173 16.25 -4.35 16.57
C PHE B 173 17.58 -4.22 15.85
N VAL B 174 17.52 -3.88 14.56
CA VAL B 174 18.73 -3.67 13.70
C VAL B 174 19.01 -2.17 13.70
N GLU B 175 20.27 -1.81 13.46
CA GLU B 175 20.80 -0.43 13.57
C GLU B 175 21.70 -0.12 12.37
N GLY B 176 21.49 1.06 11.77
CA GLY B 176 22.24 1.58 10.61
C GLY B 176 23.61 2.06 11.01
N ASN B 177 24.32 2.67 10.06
CA ASN B 177 25.66 3.27 10.21
C ASN B 177 25.42 4.75 10.49
N ALA B 178 26.48 5.52 10.79
CA ALA B 178 26.41 6.95 11.17
C ALA B 178 25.39 7.11 12.32
N TYR B 179 25.47 6.18 13.29
CA TYR B 179 24.84 6.22 14.63
C TYR B 179 23.37 5.82 14.51
N SER B 180 22.99 5.25 13.36
CA SER B 180 21.59 4.83 13.07
C SER B 180 20.65 6.04 13.21
N GLY B 181 21.16 7.26 12.99
CA GLY B 181 20.37 8.50 13.01
C GLY B 181 19.26 8.47 11.96
N ALA B 182 18.05 8.91 12.32
CA ALA B 182 16.88 9.01 11.41
C ALA B 182 17.14 10.04 10.31
N TRP B 183 17.75 11.19 10.66
CA TRP B 183 18.01 12.33 9.74
C TRP B 183 19.05 12.00 8.65
N THR B 184 19.91 11.01 8.88
CA THR B 184 21.06 10.61 8.02
C THR B 184 20.81 9.23 7.42
N TRP B 185 19.62 8.67 7.63
CA TRP B 185 19.27 7.26 7.28
C TRP B 185 19.33 7.00 5.77
N THR B 186 18.83 7.92 4.93
CA THR B 186 18.76 7.73 3.46
C THR B 186 20.14 8.03 2.87
N THR B 187 20.84 9.01 3.43
CA THR B 187 22.26 9.35 3.08
C THR B 187 23.11 8.06 3.07
N TYR B 188 23.08 7.30 4.17
CA TYR B 188 24.08 6.26 4.52
C TYR B 188 23.49 4.82 4.52
N ASN B 189 22.23 4.60 4.91
CA ASN B 189 21.70 3.23 5.25
C ASN B 189 20.57 2.81 4.28
N THR B 190 20.65 3.15 2.99
CA THR B 190 19.69 2.62 1.97
C THR B 190 19.85 1.10 1.82
N ALA B 191 21.06 0.57 2.10
CA ALA B 191 21.48 -0.84 1.81
C ALA B 191 20.86 -1.81 2.82
N MET B 192 20.31 -1.31 3.93
CA MET B 192 19.80 -2.14 5.05
C MET B 192 18.43 -2.75 4.70
N VAL B 193 17.86 -2.43 3.53
CA VAL B 193 16.75 -3.21 2.91
C VAL B 193 17.12 -4.70 2.85
N ASN B 194 18.41 -5.03 2.65
CA ASN B 194 18.92 -6.37 2.23
C ASN B 194 18.86 -7.40 3.36
N LEU B 195 18.63 -6.99 4.61
CA LEU B 195 18.65 -7.88 5.80
C LEU B 195 17.43 -8.81 5.81
N THR B 196 17.63 -10.08 6.18
CA THR B 196 16.63 -11.17 6.06
C THR B 196 16.45 -11.87 7.42
N ASP B 197 15.23 -12.35 7.71
CA ASP B 197 14.88 -13.00 9.00
C ASP B 197 13.87 -14.12 8.76
N PRO B 198 14.17 -15.38 9.13
CA PRO B 198 13.23 -16.49 8.99
C PRO B 198 11.91 -16.28 9.75
N SER B 199 11.98 -15.71 10.96
CA SER B 199 10.82 -15.39 11.85
C SER B 199 10.08 -14.14 11.33
N ASP B 200 10.74 -13.30 10.52
CA ASP B 200 10.17 -12.06 9.92
C ASP B 200 9.79 -11.05 11.03
N LEU B 201 10.61 -10.91 12.07
CA LEU B 201 10.39 -9.95 13.17
C LEU B 201 11.57 -8.96 13.23
N ILE B 202 12.06 -8.47 12.09
CA ILE B 202 13.06 -7.36 12.05
C ILE B 202 12.30 -6.09 12.42
N VAL B 203 12.98 -5.15 13.07
CA VAL B 203 12.51 -3.75 13.27
C VAL B 203 13.74 -2.85 13.12
N TYR B 204 13.63 -1.76 12.35
CA TYR B 204 14.73 -0.79 12.10
C TYR B 204 14.75 0.25 13.21
N GLU B 205 15.62 0.02 14.19
CA GLU B 205 15.79 0.92 15.36
C GLU B 205 16.71 2.08 14.96
N MET B 206 16.15 3.28 14.97
CA MET B 206 16.85 4.56 14.69
C MET B 206 16.85 5.37 15.99
N HIS B 207 17.85 6.25 16.16
CA HIS B 207 17.91 7.25 17.24
C HIS B 207 17.66 8.64 16.66
N GLN B 208 17.17 9.61 17.43
CA GLN B 208 17.12 11.02 16.98
C GLN B 208 17.27 11.98 18.16
N TYR B 209 18.19 12.93 18.04
CA TYR B 209 18.32 14.11 18.92
C TYR B 209 18.14 15.39 18.08
N LEU B 210 17.84 16.49 18.79
CA LEU B 210 17.24 17.72 18.22
C LEU B 210 18.22 18.88 18.40
N ASP B 211 19.44 18.59 18.85
CA ASP B 211 20.51 19.60 18.93
C ASP B 211 21.12 19.74 17.52
N SER B 212 21.95 20.78 17.31
CA SER B 212 22.67 21.10 16.05
C SER B 212 23.18 19.81 15.40
N ASP B 213 24.09 19.11 16.10
CA ASP B 213 24.94 18.02 15.57
C ASP B 213 24.21 16.68 15.75
N GLY B 214 23.14 16.63 16.53
CA GLY B 214 22.32 15.42 16.71
C GLY B 214 22.97 14.39 17.60
N SER B 215 24.03 14.74 18.34
CA SER B 215 24.74 13.87 19.31
C SER B 215 23.99 13.81 20.65
N GLY B 216 22.88 14.55 20.80
CA GLY B 216 22.13 14.69 22.05
C GLY B 216 23.07 14.79 23.25
N THR B 217 23.98 15.77 23.24
CA THR B 217 24.84 16.15 24.39
C THR B 217 24.53 17.58 24.84
N SER B 218 23.47 18.21 24.31
CA SER B 218 22.98 19.58 24.66
C SER B 218 21.48 19.56 24.98
N ASP B 219 21.00 20.58 25.71
CA ASP B 219 19.58 20.71 26.14
C ASP B 219 18.88 21.81 25.32
N GLN B 220 19.57 22.34 24.31
CA GLN B 220 19.08 23.40 23.40
C GLN B 220 18.75 22.74 22.05
N CYS B 221 17.54 22.92 21.56
CA CYS B 221 17.09 22.34 20.26
C CYS B 221 17.25 23.40 19.16
N VAL B 222 17.30 22.98 17.90
CA VAL B 222 17.44 23.89 16.73
C VAL B 222 16.21 24.78 16.68
N SER B 223 15.04 24.15 16.52
CA SER B 223 13.73 24.82 16.48
C SER B 223 12.67 23.89 17.11
N SER B 224 11.43 24.39 17.12
CA SER B 224 10.23 23.72 17.64
C SER B 224 9.70 22.70 16.63
N THR B 225 10.26 22.65 15.42
CA THR B 225 9.79 21.73 14.33
C THR B 225 10.90 20.74 13.91
N VAL B 226 12.11 20.83 14.48
CA VAL B 226 13.31 20.13 13.95
C VAL B 226 13.10 18.61 14.06
N GLY B 227 12.32 18.18 15.06
CA GLY B 227 11.81 16.80 15.25
C GLY B 227 11.08 16.29 14.01
N GLN B 228 9.90 16.84 13.72
CA GLN B 228 9.09 16.41 12.55
C GLN B 228 9.98 16.49 11.31
N GLU B 229 10.86 17.50 11.23
CA GLU B 229 11.78 17.74 10.08
C GLU B 229 12.79 16.59 9.98
N ARG B 230 13.28 16.07 11.11
CA ARG B 230 14.43 15.12 11.14
C ARG B 230 14.00 13.66 11.04
N VAL B 231 12.69 13.33 10.86
CA VAL B 231 12.24 11.91 10.74
C VAL B 231 11.37 11.68 9.48
N VAL B 232 11.26 12.64 8.56
CA VAL B 232 10.38 12.52 7.36
C VAL B 232 10.99 11.50 6.38
N ASP B 233 12.21 11.78 5.91
CA ASP B 233 12.98 10.93 4.95
C ASP B 233 12.89 9.46 5.39
N ALA B 234 13.12 9.23 6.69
CA ALA B 234 13.20 7.90 7.33
C ALA B 234 11.83 7.20 7.34
N THR B 235 10.73 7.94 7.44
CA THR B 235 9.35 7.37 7.44
C THR B 235 8.97 6.92 6.02
N THR B 236 9.17 7.76 5.00
CA THR B 236 8.85 7.42 3.59
C THR B 236 9.76 6.26 3.12
N TRP B 237 10.94 6.10 3.74
CA TRP B 237 11.85 4.95 3.47
C TRP B 237 11.19 3.67 3.99
N LEU B 238 10.65 3.71 5.21
CA LEU B 238 9.95 2.58 5.90
C LEU B 238 8.64 2.23 5.19
N GLN B 239 7.86 3.23 4.74
CA GLN B 239 6.57 3.02 4.02
C GLN B 239 6.86 2.38 2.65
N SER B 240 7.77 2.94 1.87
CA SER B 240 8.09 2.49 0.49
C SER B 240 8.62 1.06 0.52
N ASN B 241 9.57 0.79 1.42
CA ASN B 241 10.34 -0.47 1.49
C ASN B 241 9.58 -1.49 2.34
N GLY B 242 8.40 -1.11 2.86
CA GLY B 242 7.50 -2.01 3.62
C GLY B 242 8.13 -2.48 4.92
N LYS B 243 8.86 -1.61 5.61
CA LYS B 243 9.66 -1.96 6.83
C LYS B 243 9.03 -1.32 8.08
N LEU B 244 9.19 -1.96 9.24
CA LEU B 244 8.80 -1.41 10.56
C LEU B 244 10.02 -0.76 11.24
N GLY B 245 9.81 0.42 11.85
CA GLY B 245 10.83 1.17 12.59
C GLY B 245 10.39 1.42 14.01
N ILE B 246 11.35 1.58 14.94
CA ILE B 246 11.16 2.12 16.32
C ILE B 246 12.22 3.20 16.54
N LEU B 247 11.90 4.28 17.28
CA LEU B 247 12.90 5.33 17.65
C LEU B 247 13.47 4.96 19.03
N GLY B 248 14.52 4.14 19.03
CA GLY B 248 15.10 3.53 20.24
C GLY B 248 15.54 4.59 21.24
N GLU B 249 16.23 5.60 20.76
CA GLU B 249 16.75 6.71 21.59
C GLU B 249 16.29 8.04 21.04
N PHE B 250 15.65 8.82 21.91
CA PHE B 250 15.45 10.26 21.70
C PHE B 250 15.49 10.98 23.05
N ALA B 251 15.52 12.30 23.00
CA ALA B 251 15.43 13.19 24.18
C ALA B 251 15.36 14.66 23.75
N GLY B 252 15.05 15.49 24.75
CA GLY B 252 15.01 16.95 24.65
C GLY B 252 15.39 17.52 26.00
N GLY B 253 15.73 18.82 26.03
CA GLY B 253 16.02 19.57 27.26
C GLY B 253 14.75 20.09 27.85
N ALA B 254 14.82 20.54 29.10
CA ALA B 254 13.68 20.98 29.91
C ALA B 254 13.38 22.45 29.60
N ASN B 255 12.67 22.70 28.49
CA ASN B 255 12.33 24.05 27.98
C ASN B 255 11.33 23.96 26.80
N SER B 256 10.41 24.92 26.62
CA SER B 256 9.25 24.77 25.70
C SER B 256 9.75 24.31 24.33
N VAL B 257 10.79 24.97 23.79
CA VAL B 257 11.21 24.81 22.36
C VAL B 257 11.46 23.32 22.15
N CYS B 258 12.25 22.67 23.01
CA CYS B 258 12.58 21.21 22.95
C CYS B 258 11.34 20.35 23.23
N GLU B 259 10.48 20.73 24.18
CA GLU B 259 9.17 20.04 24.44
C GLU B 259 8.31 20.08 23.16
N GLU B 260 8.40 21.16 22.39
CA GLU B 260 7.54 21.44 21.21
C GLU B 260 7.97 20.56 20.04
N ALA B 261 9.28 20.44 19.81
CA ALA B 261 9.88 19.60 18.76
C ALA B 261 9.59 18.10 19.01
N VAL B 262 9.87 17.61 20.22
CA VAL B 262 9.60 16.21 20.65
C VAL B 262 8.12 15.91 20.45
N GLU B 263 7.25 16.83 20.88
CA GLU B 263 5.77 16.68 20.78
C GLU B 263 5.38 16.56 19.32
N GLY B 264 5.92 17.43 18.45
CA GLY B 264 5.67 17.44 17.01
C GLY B 264 6.29 16.22 16.30
N MET B 265 7.51 15.85 16.68
CA MET B 265 8.22 14.66 16.14
C MET B 265 7.39 13.41 16.41
N LEU B 266 6.92 13.24 17.65
CA LEU B 266 6.18 12.03 18.12
C LEU B 266 4.81 12.00 17.44
N ASP B 267 4.12 13.14 17.39
CA ASP B 267 2.91 13.36 16.56
C ASP B 267 3.12 12.71 15.20
N TYR B 268 4.10 13.21 14.44
CA TYR B 268 4.46 12.71 13.09
C TYR B 268 4.70 11.20 13.13
N LEU B 269 5.35 10.70 14.19
CA LEU B 269 5.60 9.25 14.35
C LEU B 269 4.25 8.55 14.54
N ALA B 270 3.41 9.04 15.45
CA ALA B 270 2.10 8.45 15.81
C ALA B 270 1.16 8.40 14.58
N GLU B 271 1.26 9.40 13.70
CA GLU B 271 0.44 9.51 12.45
C GLU B 271 0.97 8.52 11.42
N ASN B 272 1.99 7.73 11.78
CA ASN B 272 2.62 6.69 10.91
C ASN B 272 2.89 5.45 11.77
N SER B 273 1.90 5.06 12.58
CA SER B 273 1.99 3.88 13.50
C SER B 273 1.98 2.59 12.67
N ASP B 274 1.73 2.71 11.36
CA ASP B 274 1.76 1.58 10.38
C ASP B 274 3.20 1.26 9.98
N VAL B 275 4.18 2.03 10.48
CA VAL B 275 5.65 1.78 10.28
C VAL B 275 6.40 1.96 11.61
N TRP B 276 5.99 2.92 12.43
CA TRP B 276 6.61 3.22 13.75
C TRP B 276 5.86 2.45 14.84
N LEU B 277 6.51 1.44 15.43
CA LEU B 277 5.93 0.58 16.50
C LEU B 277 6.01 1.29 17.85
N GLY B 278 6.90 2.29 17.96
CA GLY B 278 7.01 3.07 19.20
C GLY B 278 8.31 3.82 19.32
N ALA B 279 8.78 4.00 20.55
CA ALA B 279 9.97 4.81 20.86
C ALA B 279 10.41 4.52 22.29
N SER B 280 11.62 4.95 22.66
CA SER B 280 12.09 4.96 24.07
C SER B 280 13.11 6.09 24.30
N TRP B 281 12.70 7.01 25.18
CA TRP B 281 13.50 8.12 25.76
C TRP B 281 14.93 7.68 26.07
N TRP B 282 15.91 8.57 25.92
CA TRP B 282 17.28 8.42 26.49
C TRP B 282 17.49 9.54 27.49
N SER B 283 17.63 9.22 28.80
CA SER B 283 17.71 7.89 29.36
C SER B 283 17.07 7.89 30.74
N ALA B 284 16.94 6.71 31.37
CA ALA B 284 16.57 6.53 32.79
C ALA B 284 17.68 5.73 33.48
N GLY B 285 17.86 5.84 34.80
CA GLY B 285 18.84 5.00 35.54
C GLY B 285 19.43 5.68 36.77
N PRO B 286 20.08 4.93 37.68
CA PRO B 286 20.41 5.43 39.01
C PRO B 286 21.57 6.43 39.07
N TRP B 287 22.52 6.39 38.14
CA TRP B 287 23.79 7.17 38.26
C TRP B 287 23.73 8.40 37.34
N TRP B 288 22.54 8.81 36.88
CA TRP B 288 22.35 9.96 35.97
C TRP B 288 22.46 11.27 36.77
N GLN B 289 21.81 11.40 37.92
CA GLN B 289 21.91 12.64 38.69
C GLN B 289 21.27 13.81 37.92
N ASP B 290 22.06 14.85 37.66
CA ASP B 290 21.63 16.15 37.20
C ASP B 290 21.49 16.16 35.69
N TYR B 291 21.67 15.00 35.09
CA TYR B 291 21.76 14.86 33.67
C TYR B 291 20.52 15.50 33.09
N ILE B 292 20.70 16.24 32.00
CA ILE B 292 19.60 16.99 31.42
C ILE B 292 18.51 16.06 30.95
N TYR B 293 18.86 14.82 30.66
CA TYR B 293 17.90 13.89 30.09
C TYR B 293 17.33 12.84 31.04
N SER B 294 17.58 12.98 32.34
CA SER B 294 17.30 11.89 33.31
C SER B 294 15.78 11.73 33.49
N MET B 295 15.25 10.55 33.15
CA MET B 295 13.82 10.15 33.28
C MET B 295 13.65 9.28 34.53
N GLU B 296 14.74 9.05 35.26
CA GLU B 296 14.75 8.32 36.56
C GLU B 296 13.97 9.11 37.60
N PRO B 297 13.01 8.48 38.31
CA PRO B 297 12.28 9.16 39.37
C PRO B 297 13.17 9.23 40.61
N PRO B 298 12.80 10.04 41.62
CA PRO B 298 11.70 11.00 41.53
C PRO B 298 12.13 12.41 41.10
N ASN B 299 13.45 12.68 41.09
CA ASN B 299 14.11 13.97 40.75
C ASN B 299 14.56 14.01 39.29
N GLY B 300 14.28 12.96 38.50
CA GLY B 300 14.60 12.98 37.07
C GLY B 300 14.15 14.29 36.47
N ILE B 301 15.02 14.93 35.69
CA ILE B 301 14.82 16.31 35.17
C ILE B 301 13.94 16.21 33.92
N ALA B 302 14.20 15.22 33.05
CA ALA B 302 13.27 14.81 31.98
C ALA B 302 11.99 14.31 32.63
N TYR B 303 12.08 13.84 33.88
CA TYR B 303 10.99 13.15 34.62
C TYR B 303 9.88 14.18 34.94
N GLU B 304 10.22 15.28 35.60
CA GLU B 304 9.19 16.30 35.95
C GLU B 304 8.70 16.98 34.67
N SER B 305 9.56 17.04 33.66
CA SER B 305 9.39 17.84 32.41
C SER B 305 8.60 17.03 31.39
N TYR B 306 9.07 15.82 31.06
CA TYR B 306 8.67 15.09 29.84
C TYR B 306 7.82 13.86 30.18
N LEU B 307 7.68 13.46 31.43
CA LEU B 307 6.91 12.22 31.72
C LEU B 307 5.44 12.45 31.34
N SER B 308 4.86 13.59 31.71
CA SER B 308 3.41 13.86 31.57
C SER B 308 3.06 14.00 30.07
N ILE B 309 4.07 14.25 29.25
CA ILE B 309 3.93 14.58 27.80
C ILE B 309 3.87 13.25 27.05
N LEU B 310 4.77 12.34 27.39
CA LEU B 310 4.94 11.04 26.69
C LEU B 310 3.72 10.17 27.00
N GLU B 311 3.12 10.32 28.20
CA GLU B 311 1.89 9.59 28.60
C GLU B 311 0.66 10.36 28.12
N THR B 312 0.83 11.08 27.01
CA THR B 312 -0.24 11.60 26.12
C THR B 312 -0.29 10.67 24.90
N TYR B 313 0.64 9.70 24.85
CA TYR B 313 0.85 8.76 23.72
C TYR B 313 0.93 7.29 24.20
N PHE B 314 0.65 6.98 25.47
CA PHE B 314 0.84 5.62 26.04
C PHE B 314 -0.35 4.72 25.67
N ALA C 10 14.81 12.94 -3.44
CA ALA C 10 13.45 12.33 -3.51
C ALA C 10 12.41 13.40 -3.11
N SER C 11 11.56 13.13 -2.11
CA SER C 11 10.53 14.08 -1.58
C SER C 11 11.23 15.25 -0.88
N SER C 12 11.23 16.43 -1.51
CA SER C 12 11.85 17.67 -0.98
C SER C 12 10.82 18.51 -0.21
N PHE C 13 9.53 18.32 -0.50
CA PHE C 13 8.40 19.13 0.02
C PHE C 13 7.32 18.22 0.63
N GLU C 14 6.46 18.77 1.48
CA GLU C 14 5.27 18.03 1.96
C GLU C 14 4.50 17.59 0.72
N TRP C 15 4.10 18.55 -0.11
CA TRP C 15 3.18 18.35 -1.27
C TRP C 15 3.79 18.90 -2.57
N PHE C 16 3.62 18.16 -3.65
CA PHE C 16 3.90 18.68 -5.00
C PHE C 16 2.82 18.16 -5.95
N GLY C 17 2.17 19.07 -6.68
CA GLY C 17 1.12 18.68 -7.64
C GLY C 17 0.93 19.70 -8.73
N SER C 18 -0.31 19.81 -9.23
CA SER C 18 -0.74 20.79 -10.27
C SER C 18 -2.15 21.29 -9.94
N ASN C 19 -2.55 22.46 -10.39
CA ASN C 19 -3.98 22.88 -10.37
C ASN C 19 -4.65 22.10 -11.50
N GLU C 20 -5.98 21.97 -11.53
CA GLU C 20 -6.78 21.28 -12.60
C GLU C 20 -8.02 22.09 -12.97
N SER C 21 -8.05 22.67 -14.16
CA SER C 21 -8.97 23.74 -14.61
C SER C 21 -10.05 23.20 -15.56
N GLY C 22 -11.07 24.01 -15.81
CA GLY C 22 -12.31 23.60 -16.47
C GLY C 22 -13.49 24.28 -15.80
N ALA C 23 -13.65 24.01 -14.49
CA ALA C 23 -14.83 24.39 -13.69
C ALA C 23 -14.99 25.92 -13.64
N GLU C 24 -13.88 26.66 -13.72
CA GLU C 24 -13.83 28.14 -13.57
C GLU C 24 -13.79 28.86 -14.93
N PHE C 25 -13.69 28.14 -16.04
CA PHE C 25 -13.70 28.72 -17.42
C PHE C 25 -15.07 29.35 -17.72
N GLY C 26 -15.11 30.28 -18.68
CA GLY C 26 -16.33 30.86 -19.29
C GLY C 26 -17.19 31.67 -18.33
N SER C 27 -16.56 32.37 -17.38
CA SER C 27 -17.25 33.03 -16.22
C SER C 27 -18.05 34.27 -16.67
N GLY C 28 -18.07 34.61 -17.95
CA GLY C 28 -19.04 35.58 -18.51
C GLY C 28 -20.44 35.00 -18.59
N ASN C 29 -20.56 33.66 -18.63
CA ASN C 29 -21.83 32.90 -18.82
C ASN C 29 -22.20 32.16 -17.52
N ILE C 30 -23.07 32.76 -16.70
CA ILE C 30 -23.57 32.19 -15.41
C ILE C 30 -25.07 31.93 -15.53
N PRO C 31 -25.58 30.75 -15.10
CA PRO C 31 -24.74 29.65 -14.60
C PRO C 31 -23.76 29.09 -15.63
N GLY C 32 -24.13 29.14 -16.91
CA GLY C 32 -23.43 28.51 -18.03
C GLY C 32 -23.75 27.02 -18.05
N VAL C 33 -23.55 26.37 -19.20
CA VAL C 33 -23.89 24.93 -19.41
C VAL C 33 -22.58 24.14 -19.36
N GLU C 34 -22.59 22.97 -18.71
CA GLU C 34 -21.50 21.95 -18.74
C GLU C 34 -21.31 21.51 -20.19
N GLY C 35 -20.08 21.58 -20.70
CA GLY C 35 -19.72 21.08 -22.05
C GLY C 35 -19.56 22.19 -23.08
N THR C 36 -20.03 23.40 -22.78
CA THR C 36 -19.89 24.59 -23.67
C THR C 36 -18.99 25.64 -22.98
N ASP C 37 -19.39 26.14 -21.81
CA ASP C 37 -18.77 27.32 -21.15
C ASP C 37 -17.70 26.86 -20.15
N TYR C 38 -17.84 25.65 -19.58
CA TYR C 38 -16.90 25.08 -18.58
C TYR C 38 -16.96 23.55 -18.63
N THR C 39 -15.98 22.89 -18.01
CA THR C 39 -15.99 21.41 -17.81
C THR C 39 -15.33 21.06 -16.47
N PHE C 40 -15.23 19.77 -16.20
CA PHE C 40 -14.66 19.24 -14.95
C PHE C 40 -13.36 18.56 -15.32
N PRO C 41 -12.35 18.63 -14.44
CA PRO C 41 -11.13 17.86 -14.66
C PRO C 41 -11.45 16.40 -15.05
N ASN C 42 -10.49 15.78 -15.72
CA ASN C 42 -10.55 14.41 -16.28
C ASN C 42 -9.74 13.51 -15.35
N THR C 43 -10.43 12.65 -14.58
CA THR C 43 -9.89 11.79 -13.51
C THR C 43 -8.78 10.89 -14.08
N THR C 44 -8.97 10.36 -15.29
CA THR C 44 -7.95 9.50 -15.97
C THR C 44 -6.72 10.37 -16.25
N ALA C 45 -6.90 11.64 -16.64
CA ALA C 45 -5.78 12.61 -16.79
C ALA C 45 -5.16 12.93 -15.41
N ILE C 46 -5.99 13.02 -14.36
CA ILE C 46 -5.50 13.17 -12.96
C ILE C 46 -4.62 11.96 -12.70
N GLN C 47 -5.07 10.76 -13.09
CA GLN C 47 -4.39 9.48 -12.76
C GLN C 47 -2.95 9.53 -13.27
N ILE C 48 -2.76 9.90 -14.53
CA ILE C 48 -1.39 9.95 -15.14
C ILE C 48 -0.47 10.77 -14.23
N LEU C 49 -1.00 11.85 -13.63
CA LEU C 49 -0.22 12.80 -12.78
C LEU C 49 -0.01 12.26 -11.34
N ILE C 50 -0.91 11.41 -10.85
CA ILE C 50 -0.69 10.65 -9.58
C ILE C 50 0.40 9.62 -9.87
N ASP C 51 0.24 8.85 -10.95
CA ASP C 51 1.19 7.78 -11.35
C ASP C 51 2.62 8.35 -11.47
N ALA C 52 2.74 9.64 -11.79
CA ALA C 52 4.02 10.35 -11.95
C ALA C 52 4.62 10.76 -10.59
N GLY C 53 3.80 10.96 -9.55
CA GLY C 53 4.23 11.38 -8.20
C GLY C 53 3.52 12.62 -7.64
N MET C 54 2.42 13.07 -8.26
CA MET C 54 1.74 14.34 -7.87
C MET C 54 0.68 14.06 -6.80
N ASN C 55 0.92 14.56 -5.59
CA ASN C 55 0.17 14.22 -4.36
C ASN C 55 -0.70 15.41 -3.91
N ILE C 56 -1.12 16.29 -4.82
CA ILE C 56 -2.08 17.40 -4.52
C ILE C 56 -2.56 18.00 -5.83
N PHE C 57 -3.82 18.44 -5.89
CA PHE C 57 -4.52 18.97 -7.10
C PHE C 57 -5.55 20.03 -6.71
N ARG C 58 -5.32 21.26 -7.18
CA ARG C 58 -6.11 22.43 -6.72
C ARG C 58 -7.14 22.66 -7.80
N VAL C 59 -8.37 22.30 -7.52
CA VAL C 59 -9.48 22.23 -8.51
C VAL C 59 -10.29 23.52 -8.41
N PRO C 60 -10.01 24.57 -9.22
CA PRO C 60 -10.82 25.76 -9.20
C PRO C 60 -12.31 25.54 -9.52
N PHE C 61 -13.15 26.48 -9.11
CA PHE C 61 -14.60 26.55 -9.42
C PHE C 61 -15.09 27.96 -9.09
N LEU C 62 -16.29 28.29 -9.60
CA LEU C 62 -16.93 29.62 -9.45
C LEU C 62 -18.01 29.57 -8.36
N MET C 63 -17.96 30.52 -7.43
CA MET C 63 -18.93 30.66 -6.30
C MET C 63 -20.35 30.82 -6.88
N GLU C 64 -20.50 31.54 -7.99
CA GLU C 64 -21.79 31.89 -8.65
C GLU C 64 -22.52 30.64 -9.21
N ARG C 65 -21.82 29.53 -9.43
CA ARG C 65 -22.39 28.28 -9.99
C ARG C 65 -22.59 27.24 -8.89
N MET C 66 -21.73 27.29 -7.86
CA MET C 66 -21.67 26.32 -6.73
C MET C 66 -22.80 26.64 -5.74
N ILE C 67 -23.18 27.93 -5.64
CA ILE C 67 -24.22 28.50 -4.73
C ILE C 67 -24.80 29.73 -5.42
N PRO C 68 -25.69 29.58 -6.42
CA PRO C 68 -26.21 30.71 -7.20
C PRO C 68 -26.90 31.85 -6.44
N THR C 69 -27.26 32.92 -7.17
CA THR C 69 -28.19 34.02 -6.76
C THR C 69 -27.69 34.73 -5.50
N GLU C 70 -27.48 34.02 -4.39
CA GLU C 70 -27.01 34.58 -3.10
C GLU C 70 -26.00 33.61 -2.52
N MET C 71 -25.02 34.08 -1.75
CA MET C 71 -23.95 33.17 -1.26
C MET C 71 -24.37 32.57 0.10
N THR C 72 -25.63 32.78 0.54
CA THR C 72 -26.25 32.09 1.72
C THR C 72 -27.29 31.05 1.27
N GLY C 73 -27.48 30.87 -0.03
CA GLY C 73 -28.48 29.95 -0.60
C GLY C 73 -28.02 28.49 -0.55
N SER C 74 -28.65 27.67 -1.40
CA SER C 74 -28.46 26.20 -1.51
C SER C 74 -27.27 25.91 -2.42
N LEU C 75 -26.79 24.66 -2.43
CA LEU C 75 -25.81 24.18 -3.43
C LEU C 75 -26.56 23.97 -4.73
N ASP C 76 -25.90 24.20 -5.86
CA ASP C 76 -26.39 23.74 -7.17
C ASP C 76 -26.13 22.24 -7.19
N THR C 77 -27.18 21.42 -7.07
CA THR C 77 -27.07 19.95 -6.99
C THR C 77 -26.05 19.50 -8.04
N ALA C 78 -26.30 19.83 -9.32
CA ALA C 78 -25.51 19.41 -10.52
C ALA C 78 -24.04 19.80 -10.36
N TYR C 79 -23.76 21.10 -10.27
CA TYR C 79 -22.38 21.62 -10.25
C TYR C 79 -21.60 20.90 -9.15
N PHE C 80 -22.17 20.80 -7.95
CA PHE C 80 -21.46 20.30 -6.75
C PHE C 80 -21.08 18.84 -6.96
N GLU C 81 -21.92 18.08 -7.67
CA GLU C 81 -21.72 16.63 -7.94
C GLU C 81 -20.57 16.44 -8.93
N GLY C 82 -20.67 17.11 -10.07
CA GLY C 82 -19.52 17.28 -10.99
C GLY C 82 -18.24 17.54 -10.20
N TYR C 83 -18.20 18.63 -9.44
CA TYR C 83 -17.00 19.08 -8.68
C TYR C 83 -16.59 18.03 -7.64
N SER C 84 -17.54 17.48 -6.88
CA SER C 84 -17.27 16.57 -5.75
C SER C 84 -16.69 15.25 -6.26
N GLU C 85 -17.25 14.75 -7.37
CA GLU C 85 -16.82 13.50 -8.08
C GLU C 85 -15.32 13.55 -8.38
N VAL C 86 -14.82 14.74 -8.77
CA VAL C 86 -13.36 15.00 -8.95
C VAL C 86 -12.72 15.02 -7.55
N ILE C 87 -13.10 15.93 -6.65
CA ILE C 87 -12.45 16.03 -5.29
C ILE C 87 -12.37 14.61 -4.71
N ASN C 88 -13.46 13.85 -4.75
CA ASN C 88 -13.55 12.51 -4.08
C ASN C 88 -12.67 11.48 -4.80
N TYR C 89 -12.27 11.72 -6.06
CA TYR C 89 -11.27 10.91 -6.81
C TYR C 89 -9.87 11.21 -6.25
N ILE C 90 -9.41 12.44 -6.43
CA ILE C 90 -8.10 12.91 -5.90
C ILE C 90 -7.89 12.26 -4.53
N THR C 91 -8.81 12.55 -3.60
CA THR C 91 -8.78 12.09 -2.18
C THR C 91 -9.01 10.57 -2.15
N GLY C 92 -9.86 10.06 -3.05
CA GLY C 92 -10.04 8.62 -3.33
C GLY C 92 -8.72 7.87 -3.40
N LYS C 93 -7.69 8.44 -4.07
CA LYS C 93 -6.37 7.77 -4.28
C LYS C 93 -5.33 8.21 -3.24
N GLY C 94 -5.75 8.88 -2.16
CA GLY C 94 -4.84 9.17 -1.03
C GLY C 94 -4.06 10.46 -1.22
N ALA C 95 -4.34 11.19 -2.31
CA ALA C 95 -3.77 12.54 -2.60
C ALA C 95 -4.68 13.60 -2.01
N HIS C 96 -4.09 14.72 -1.59
CA HIS C 96 -4.76 15.96 -1.13
C HIS C 96 -5.38 16.69 -2.32
N ALA C 97 -6.65 17.06 -2.21
CA ALA C 97 -7.36 17.98 -3.12
C ALA C 97 -7.59 19.34 -2.44
N VAL C 98 -7.45 20.45 -3.17
CA VAL C 98 -7.70 21.84 -2.65
C VAL C 98 -8.94 22.46 -3.34
N VAL C 99 -9.96 22.78 -2.53
CA VAL C 99 -11.26 23.43 -2.91
C VAL C 99 -11.07 24.95 -3.08
N ASP C 100 -10.98 25.43 -4.32
CA ASP C 100 -10.59 26.82 -4.72
C ASP C 100 -11.79 27.54 -5.33
N PRO C 101 -12.54 28.36 -4.55
CA PRO C 101 -13.50 29.29 -5.12
C PRO C 101 -12.73 30.38 -5.87
N HIS C 102 -12.41 30.09 -7.14
CA HIS C 102 -11.54 30.89 -8.02
C HIS C 102 -12.30 32.14 -8.50
N ASN C 103 -12.47 33.12 -7.61
CA ASN C 103 -13.50 34.18 -7.72
C ASN C 103 -12.94 35.60 -7.57
N PHE C 104 -11.75 35.78 -6.97
CA PHE C 104 -10.98 37.04 -6.95
C PHE C 104 -11.65 38.06 -6.00
N GLY C 105 -12.05 37.60 -4.80
CA GLY C 105 -12.63 38.44 -3.73
C GLY C 105 -13.94 39.07 -4.17
N ARG C 106 -14.68 38.39 -5.03
CA ARG C 106 -15.79 38.99 -5.81
C ARG C 106 -16.95 37.99 -5.89
N TYR C 107 -18.18 38.50 -5.87
CA TYR C 107 -19.41 37.71 -6.08
C TYR C 107 -20.33 38.46 -7.06
N TYR C 108 -20.53 37.88 -8.26
CA TYR C 108 -21.30 38.47 -9.38
C TYR C 108 -20.67 39.82 -9.78
N GLY C 109 -19.33 39.97 -9.58
CA GLY C 109 -18.53 41.16 -9.92
C GLY C 109 -18.33 42.14 -8.75
N THR C 110 -19.09 42.02 -7.66
CA THR C 110 -19.04 42.97 -6.51
C THR C 110 -18.03 42.44 -5.50
N PRO C 111 -17.09 43.27 -4.99
CA PRO C 111 -16.18 42.79 -3.95
C PRO C 111 -17.07 42.28 -2.81
N ILE C 112 -16.73 41.11 -2.31
CA ILE C 112 -17.36 40.51 -1.10
C ILE C 112 -16.97 41.43 0.05
N SER C 113 -17.94 41.94 0.79
CA SER C 113 -17.75 42.92 1.90
C SER C 113 -18.64 42.59 3.10
N SER C 114 -19.17 41.36 3.14
CA SER C 114 -19.89 40.73 4.29
C SER C 114 -19.07 39.53 4.77
N THR C 115 -18.61 39.55 6.02
CA THR C 115 -17.88 38.42 6.65
C THR C 115 -18.94 37.37 7.03
N SER C 116 -20.14 37.82 7.40
CA SER C 116 -21.32 36.96 7.75
C SER C 116 -21.77 36.15 6.54
N ASP C 117 -21.98 36.75 5.35
CA ASP C 117 -22.45 36.02 4.14
C ASP C 117 -21.37 35.06 3.66
N PHE C 118 -20.10 35.39 3.90
CA PHE C 118 -18.93 34.64 3.39
C PHE C 118 -18.68 33.41 4.27
N GLN C 119 -19.02 33.49 5.56
CA GLN C 119 -18.96 32.35 6.51
C GLN C 119 -20.06 31.34 6.15
N THR C 120 -21.31 31.79 6.00
CA THR C 120 -22.47 30.97 5.53
C THR C 120 -22.07 30.22 4.26
N PHE C 121 -21.58 30.96 3.26
CA PHE C 121 -21.02 30.38 1.99
C PHE C 121 -20.12 29.19 2.30
N TRP C 122 -19.17 29.34 3.24
CA TRP C 122 -18.13 28.32 3.49
C TRP C 122 -18.74 27.14 4.25
N SER C 123 -19.36 27.43 5.41
CA SER C 123 -20.03 26.40 6.21
C SER C 123 -20.84 25.53 5.25
N THR C 124 -21.61 26.11 4.33
CA THR C 124 -22.45 25.29 3.41
C THR C 124 -21.52 24.39 2.60
N LEU C 125 -20.51 24.97 1.98
CA LEU C 125 -19.48 24.26 1.16
C LEU C 125 -18.68 23.28 2.04
N ALA C 126 -18.18 23.73 3.20
CA ALA C 126 -17.22 22.95 4.01
C ALA C 126 -17.94 21.86 4.81
N CYS C 127 -19.24 22.00 5.06
CA CYS C 127 -20.11 20.92 5.62
C CYS C 127 -19.97 19.66 4.76
N GLN C 128 -20.04 19.86 3.44
CA GLN C 128 -20.13 18.75 2.46
C GLN C 128 -18.82 17.95 2.46
N PHE C 129 -17.80 18.37 3.23
CA PHE C 129 -16.43 17.79 3.13
C PHE C 129 -15.76 17.64 4.50
N LYS C 130 -16.50 17.65 5.62
CA LYS C 130 -15.91 17.84 6.98
C LYS C 130 -15.27 16.57 7.56
N SER C 131 -15.52 15.38 6.99
CA SER C 131 -14.92 14.08 7.43
C SER C 131 -13.78 13.67 6.51
N ASN C 132 -13.65 14.28 5.33
CA ASN C 132 -12.55 14.03 4.36
C ASN C 132 -11.26 14.69 4.86
N ASP C 133 -10.35 13.88 5.40
CA ASP C 133 -9.04 14.27 5.98
C ASP C 133 -8.08 14.80 4.91
N LEU C 134 -8.29 14.42 3.63
CA LEU C 134 -7.36 14.68 2.49
C LEU C 134 -7.76 15.95 1.73
N VAL C 135 -8.77 16.69 2.19
CA VAL C 135 -9.24 17.92 1.49
C VAL C 135 -8.63 19.16 2.17
N ILE C 136 -8.46 20.23 1.38
CA ILE C 136 -7.86 21.53 1.81
C ILE C 136 -8.84 22.61 1.36
N PHE C 137 -9.10 23.62 2.19
CA PHE C 137 -9.93 24.78 1.80
C PHE C 137 -9.02 25.98 1.49
N ASP C 138 -9.16 26.45 0.26
CA ASP C 138 -8.64 27.71 -0.29
C ASP C 138 -9.80 28.70 -0.21
N THR C 139 -9.63 29.78 0.56
CA THR C 139 -10.71 30.74 0.96
C THR C 139 -11.23 31.52 -0.25
N ASN C 140 -10.32 32.08 -1.07
CA ASN C 140 -10.62 32.57 -2.45
C ASN C 140 -9.31 32.74 -3.23
N ASN C 141 -9.36 32.62 -4.55
CA ASN C 141 -8.22 32.86 -5.46
C ASN C 141 -8.05 34.37 -5.65
N GLU C 142 -6.88 34.91 -5.26
CA GLU C 142 -6.31 36.20 -5.73
C GLU C 142 -7.31 37.33 -5.46
N TYR C 143 -7.45 37.70 -4.18
CA TYR C 143 -8.13 38.95 -3.76
C TYR C 143 -7.26 40.09 -4.27
N HIS C 144 -7.76 40.87 -5.24
CA HIS C 144 -7.09 42.09 -5.77
C HIS C 144 -7.99 43.31 -5.55
N ASP C 145 -7.38 44.49 -5.65
CA ASP C 145 -8.00 45.84 -5.59
C ASP C 145 -9.22 45.81 -4.66
N MET C 146 -8.99 45.35 -3.43
CA MET C 146 -9.91 45.49 -2.28
C MET C 146 -9.11 46.11 -1.14
N ASP C 147 -9.76 46.34 0.00
CA ASP C 147 -9.09 46.95 1.17
C ASP C 147 -8.47 45.81 1.98
N GLU C 148 -7.33 46.04 2.62
CA GLU C 148 -6.57 45.01 3.37
C GLU C 148 -7.41 44.50 4.54
N SER C 149 -7.97 45.42 5.31
CA SER C 149 -8.93 45.20 6.42
C SER C 149 -9.97 44.11 6.08
N VAL C 150 -10.68 44.31 4.96
CA VAL C 150 -11.80 43.46 4.46
C VAL C 150 -11.24 42.07 4.11
N VAL C 151 -10.10 42.01 3.40
CA VAL C 151 -9.54 40.71 2.91
C VAL C 151 -9.09 39.84 4.11
N VAL C 152 -8.47 40.44 5.13
CA VAL C 152 -8.03 39.72 6.36
C VAL C 152 -9.26 39.12 7.06
N ALA C 153 -10.34 39.88 7.25
CA ALA C 153 -11.57 39.41 7.94
C ALA C 153 -12.22 38.28 7.12
N LEU C 154 -12.44 38.50 5.81
CA LEU C 154 -13.01 37.46 4.90
C LEU C 154 -12.20 36.16 5.07
N ASN C 155 -10.90 36.29 5.30
CA ASN C 155 -9.98 35.14 5.42
C ASN C 155 -10.10 34.54 6.81
N GLN C 156 -10.71 35.26 7.76
CA GLN C 156 -11.02 34.77 9.13
C GLN C 156 -12.46 34.27 9.18
N ALA C 157 -13.38 34.86 8.39
CA ALA C 157 -14.78 34.40 8.25
C ALA C 157 -14.82 32.99 7.65
N ALA C 158 -14.06 32.76 6.57
CA ALA C 158 -13.93 31.44 5.90
C ALA C 158 -13.39 30.41 6.89
N ILE C 159 -12.30 30.73 7.61
CA ILE C 159 -11.73 29.83 8.67
C ILE C 159 -12.85 29.49 9.66
N ASP C 160 -13.66 30.48 10.05
CA ASP C 160 -14.73 30.36 11.07
C ASP C 160 -15.87 29.49 10.52
N GLY C 161 -16.42 29.84 9.36
CA GLY C 161 -17.49 29.08 8.70
C GLY C 161 -17.07 27.64 8.54
N ILE C 162 -15.81 27.42 8.16
CA ILE C 162 -15.22 26.06 7.92
C ILE C 162 -15.18 25.28 9.25
N ARG C 163 -14.53 25.80 10.28
CA ARG C 163 -14.32 25.08 11.57
C ARG C 163 -15.66 24.86 12.28
N ASP C 164 -16.59 25.80 12.17
CA ASP C 164 -17.93 25.68 12.79
C ASP C 164 -18.64 24.42 12.25
N CYS C 165 -18.65 24.15 10.94
CA CYS C 165 -19.49 23.05 10.38
C CYS C 165 -18.95 21.67 10.80
N GLY C 166 -17.74 21.59 11.36
CA GLY C 166 -17.18 20.33 11.91
C GLY C 166 -15.97 19.82 11.13
N ALA C 167 -15.52 20.57 10.13
CA ALA C 167 -14.31 20.27 9.31
C ALA C 167 -13.10 20.87 10.04
N THR C 168 -12.40 20.09 10.86
CA THR C 168 -11.44 20.60 11.87
C THR C 168 -10.10 19.85 11.76
N THR C 169 -9.99 18.90 10.84
CA THR C 169 -8.72 18.16 10.51
C THR C 169 -8.02 18.75 9.27
N GLN C 170 -8.79 19.41 8.41
CA GLN C 170 -8.38 19.83 7.05
C GLN C 170 -7.54 21.11 7.15
N TYR C 171 -6.54 21.25 6.28
CA TYR C 171 -5.75 22.49 6.13
C TYR C 171 -6.60 23.57 5.44
N ILE C 172 -6.43 24.82 5.88
CA ILE C 172 -7.05 26.01 5.24
C ILE C 172 -5.94 26.84 4.60
N PHE C 173 -5.85 26.83 3.27
CA PHE C 173 -4.97 27.78 2.53
C PHE C 173 -5.68 29.12 2.52
N VAL C 174 -5.04 30.16 3.06
CA VAL C 174 -5.54 31.56 3.11
C VAL C 174 -4.77 32.38 2.06
N GLU C 175 -5.37 33.46 1.57
CA GLU C 175 -4.90 34.18 0.37
C GLU C 175 -4.83 35.69 0.62
N GLY C 176 -3.66 36.24 0.35
CA GLY C 176 -3.32 37.65 0.52
C GLY C 176 -4.03 38.47 -0.53
N ASN C 177 -3.91 39.79 -0.42
CA ASN C 177 -4.37 40.75 -1.43
C ASN C 177 -3.19 40.97 -2.38
N ALA C 178 -3.36 41.75 -3.45
CA ALA C 178 -2.32 41.95 -4.49
C ALA C 178 -2.21 40.65 -5.32
N TYR C 179 -3.31 39.94 -5.49
CA TYR C 179 -3.39 38.71 -6.31
C TYR C 179 -2.67 37.59 -5.57
N SER C 180 -2.43 37.80 -4.27
CA SER C 180 -1.62 36.94 -3.37
C SER C 180 -0.28 36.59 -4.03
N GLY C 181 0.34 37.53 -4.75
CA GLY C 181 1.71 37.35 -5.25
C GLY C 181 2.69 37.24 -4.09
N ALA C 182 3.81 36.54 -4.27
CA ALA C 182 4.86 36.33 -3.25
C ALA C 182 5.87 37.48 -3.24
N TRP C 183 6.00 38.19 -4.36
CA TRP C 183 6.97 39.31 -4.58
C TRP C 183 6.44 40.61 -3.96
N THR C 184 5.13 40.68 -3.71
CA THR C 184 4.41 41.88 -3.22
C THR C 184 4.01 41.68 -1.75
N TRP C 185 4.33 40.52 -1.16
CA TRP C 185 3.72 40.12 0.13
C TRP C 185 4.18 40.99 1.30
N THR C 186 5.39 41.55 1.31
CA THR C 186 5.84 42.41 2.45
C THR C 186 5.30 43.82 2.25
N THR C 187 5.01 44.18 1.00
CA THR C 187 4.40 45.49 0.62
C THR C 187 2.99 45.66 1.19
N TYR C 188 2.02 44.89 0.70
CA TYR C 188 0.56 45.10 0.86
C TYR C 188 0.05 44.21 2.00
N ASN C 189 0.67 43.04 2.25
CA ASN C 189 -0.01 41.86 2.85
C ASN C 189 0.50 41.49 4.25
N THR C 190 1.27 42.34 4.92
CA THR C 190 1.89 42.03 6.25
C THR C 190 0.85 41.83 7.37
N ALA C 191 -0.40 42.26 7.18
CA ALA C 191 -1.49 42.27 8.19
C ALA C 191 -2.11 40.87 8.36
N MET C 192 -1.75 39.91 7.52
CA MET C 192 -2.36 38.54 7.50
C MET C 192 -1.68 37.66 8.55
N VAL C 193 -0.68 38.19 9.26
CA VAL C 193 -0.15 37.60 10.53
C VAL C 193 -1.32 37.26 11.47
N ASN C 194 -2.27 38.19 11.67
CA ASN C 194 -3.22 38.14 12.82
C ASN C 194 -4.00 36.82 12.77
N LEU C 195 -4.57 36.46 11.62
CA LEU C 195 -5.50 35.30 11.41
C LEU C 195 -5.33 34.04 12.27
N THR C 196 -6.41 33.61 12.94
CA THR C 196 -6.43 32.50 13.95
C THR C 196 -7.22 31.25 13.52
N ASP C 197 -6.79 30.07 13.97
CA ASP C 197 -7.42 28.75 13.68
C ASP C 197 -7.36 27.86 14.91
N PRO C 198 -8.51 27.43 15.51
CA PRO C 198 -8.48 26.55 16.69
C PRO C 198 -7.66 25.28 16.42
N SER C 199 -7.68 24.79 15.18
CA SER C 199 -6.95 23.58 14.71
C SER C 199 -5.45 23.88 14.56
N ASP C 200 -5.10 25.10 14.13
CA ASP C 200 -3.69 25.49 13.78
C ASP C 200 -3.28 24.79 12.47
N LEU C 201 -4.13 24.88 11.44
CA LEU C 201 -3.91 24.28 10.11
C LEU C 201 -4.02 25.38 9.05
N ILE C 202 -3.55 26.58 9.38
CA ILE C 202 -3.38 27.71 8.43
C ILE C 202 -2.06 27.51 7.68
N VAL C 203 -2.15 27.52 6.36
CA VAL C 203 -0.97 27.67 5.44
C VAL C 203 -1.22 28.95 4.65
N TYR C 204 -0.22 29.81 4.50
CA TYR C 204 -0.32 31.00 3.61
C TYR C 204 0.00 30.54 2.19
N GLU C 205 -0.93 30.76 1.25
CA GLU C 205 -0.81 30.34 -0.17
C GLU C 205 -0.43 31.55 -1.01
N MET C 206 0.64 31.44 -1.79
CA MET C 206 1.11 32.54 -2.68
C MET C 206 1.27 31.95 -4.08
N HIS C 207 1.05 32.77 -5.10
CA HIS C 207 1.25 32.47 -6.53
C HIS C 207 2.46 33.27 -7.00
N GLN C 208 3.28 32.72 -7.89
CA GLN C 208 4.42 33.49 -8.45
C GLN C 208 4.59 33.15 -9.91
N TYR C 209 4.46 34.14 -10.79
CA TYR C 209 4.91 34.05 -12.20
C TYR C 209 6.15 34.90 -12.40
N LEU C 210 6.90 34.59 -13.47
CA LEU C 210 8.27 35.09 -13.70
C LEU C 210 8.33 35.97 -14.96
N ASP C 211 7.18 36.31 -15.53
CA ASP C 211 7.08 37.35 -16.59
C ASP C 211 7.08 38.69 -15.86
N SER C 212 7.49 39.76 -16.54
CA SER C 212 7.73 41.11 -15.96
C SER C 212 6.66 41.46 -14.92
N ASP C 213 5.38 41.40 -15.32
CA ASP C 213 4.23 42.00 -14.58
C ASP C 213 3.76 41.06 -13.46
N GLY C 214 4.06 39.77 -13.56
CA GLY C 214 3.66 38.76 -12.55
C GLY C 214 2.37 38.06 -12.92
N SER C 215 1.70 38.55 -13.98
CA SER C 215 0.31 38.16 -14.37
C SER C 215 0.28 36.73 -14.89
N GLY C 216 1.39 36.24 -15.45
CA GLY C 216 1.50 34.87 -15.97
C GLY C 216 0.75 34.73 -17.29
N THR C 217 0.94 35.70 -18.18
CA THR C 217 0.33 35.75 -19.54
C THR C 217 1.42 35.56 -20.63
N SER C 218 2.68 35.28 -20.24
CA SER C 218 3.85 35.20 -21.16
C SER C 218 4.69 33.93 -20.95
N ASP C 219 5.23 33.36 -22.03
CA ASP C 219 6.20 32.24 -21.92
C ASP C 219 7.61 32.80 -21.68
N GLN C 220 7.73 34.12 -21.51
CA GLN C 220 9.03 34.86 -21.43
C GLN C 220 9.28 35.28 -20.00
N CYS C 221 10.24 34.66 -19.34
CA CYS C 221 10.63 34.99 -17.94
C CYS C 221 11.72 36.06 -17.95
N VAL C 222 11.51 37.15 -17.21
CA VAL C 222 12.40 38.34 -17.13
C VAL C 222 13.86 37.89 -17.25
N SER C 223 14.30 37.07 -16.30
CA SER C 223 15.66 36.48 -16.27
C SER C 223 15.52 35.06 -15.76
N SER C 224 16.66 34.42 -15.51
CA SER C 224 16.81 33.05 -14.98
C SER C 224 17.13 33.11 -13.48
N THR C 225 17.01 34.27 -12.85
CA THR C 225 17.21 34.44 -11.38
C THR C 225 15.97 35.11 -10.78
N VAL C 226 14.94 35.39 -11.59
CA VAL C 226 13.82 36.29 -11.22
C VAL C 226 12.86 35.50 -10.32
N GLY C 227 12.78 34.18 -10.51
CA GLY C 227 12.02 33.23 -9.66
C GLY C 227 12.52 33.29 -8.24
N GLN C 228 13.83 33.09 -8.05
CA GLN C 228 14.50 33.13 -6.73
C GLN C 228 14.22 34.47 -6.04
N GLU C 229 14.46 35.58 -6.74
CA GLU C 229 14.39 36.97 -6.19
C GLU C 229 12.96 37.29 -5.73
N ARG C 230 11.96 36.74 -6.42
CA ARG C 230 10.54 37.13 -6.20
C ARG C 230 9.96 36.44 -4.95
N VAL C 231 10.62 35.41 -4.40
CA VAL C 231 10.11 34.65 -3.22
C VAL C 231 11.13 34.71 -2.06
N VAL C 232 11.86 35.82 -1.93
CA VAL C 232 12.88 36.02 -0.86
C VAL C 232 12.17 36.61 0.36
N ASP C 233 11.48 37.73 0.15
CA ASP C 233 10.77 38.52 1.20
C ASP C 233 9.74 37.63 1.89
N ALA C 234 8.82 37.07 1.11
CA ALA C 234 7.85 36.04 1.54
C ALA C 234 8.52 35.11 2.57
N THR C 235 9.58 34.41 2.16
CA THR C 235 10.26 33.33 2.96
C THR C 235 10.76 33.86 4.31
N THR C 236 11.27 35.10 4.38
CA THR C 236 11.74 35.73 5.65
C THR C 236 10.50 36.06 6.49
N TRP C 237 9.45 36.60 5.86
CA TRP C 237 8.17 36.89 6.54
C TRP C 237 7.70 35.65 7.32
N LEU C 238 7.86 34.45 6.74
CA LEU C 238 7.36 33.16 7.30
C LEU C 238 8.27 32.70 8.44
N GLN C 239 9.58 32.57 8.20
CA GLN C 239 10.60 32.19 9.23
C GLN C 239 10.47 33.11 10.45
N SER C 240 10.17 34.38 10.22
CA SER C 240 10.14 35.46 11.23
C SER C 240 8.88 35.32 12.10
N ASN C 241 7.72 35.27 11.44
CA ASN C 241 6.37 35.27 12.05
C ASN C 241 5.93 33.82 12.30
N GLY C 242 6.81 32.86 12.04
CA GLY C 242 6.63 31.44 12.38
C GLY C 242 5.54 30.76 11.56
N LYS C 243 5.21 31.32 10.40
CA LYS C 243 4.05 30.87 9.57
C LYS C 243 4.49 29.76 8.62
N LEU C 244 3.54 29.24 7.83
CA LEU C 244 3.78 28.20 6.79
C LEU C 244 3.30 28.71 5.43
N GLY C 245 3.99 28.31 4.35
CA GLY C 245 3.65 28.69 2.97
C GLY C 245 3.42 27.48 2.08
N ILE C 246 2.48 27.61 1.14
CA ILE C 246 2.36 26.74 -0.08
C ILE C 246 2.40 27.68 -1.29
N LEU C 247 3.01 27.26 -2.40
CA LEU C 247 3.03 28.04 -3.67
C LEU C 247 1.94 27.47 -4.58
N GLY C 248 0.71 27.98 -4.43
CA GLY C 248 -0.54 27.42 -4.96
C GLY C 248 -0.60 27.43 -6.48
N GLU C 249 -0.01 28.48 -7.09
CA GLU C 249 0.18 28.63 -8.56
C GLU C 249 1.57 29.19 -8.84
N PHE C 250 2.30 28.54 -9.76
CA PHE C 250 3.51 29.09 -10.44
C PHE C 250 3.68 28.34 -11.76
N ALA C 251 4.43 28.90 -12.72
CA ALA C 251 4.68 28.30 -14.06
C ALA C 251 5.75 29.09 -14.84
N GLY C 252 6.55 28.38 -15.63
CA GLY C 252 7.48 28.92 -16.64
C GLY C 252 7.09 28.53 -18.06
N GLY C 253 7.60 29.27 -19.06
CA GLY C 253 7.49 28.94 -20.49
C GLY C 253 8.41 27.78 -20.86
N ALA C 254 8.18 27.16 -22.03
CA ALA C 254 8.97 26.00 -22.51
C ALA C 254 10.23 26.53 -23.22
N ASN C 255 11.28 26.79 -22.43
CA ASN C 255 12.52 27.51 -22.82
C ASN C 255 13.46 27.56 -21.61
N SER C 256 14.75 27.79 -21.83
CA SER C 256 15.85 27.51 -20.87
C SER C 256 15.78 28.47 -19.69
N VAL C 257 15.60 29.75 -19.98
CA VAL C 257 15.60 30.86 -18.99
C VAL C 257 14.54 30.51 -17.94
N CYS C 258 13.27 30.39 -18.37
CA CYS C 258 12.10 30.03 -17.52
C CYS C 258 12.33 28.72 -16.74
N GLU C 259 12.72 27.64 -17.44
CA GLU C 259 13.03 26.30 -16.86
C GLU C 259 14.18 26.37 -15.84
N GLU C 260 14.83 27.52 -15.71
CA GLU C 260 16.08 27.67 -14.91
C GLU C 260 15.75 28.46 -13.66
N ALA C 261 15.03 29.56 -13.85
CA ALA C 261 14.35 30.40 -12.82
C ALA C 261 13.38 29.56 -11.97
N VAL C 262 12.54 28.73 -12.61
CA VAL C 262 11.64 27.77 -11.91
C VAL C 262 12.51 26.86 -11.03
N GLU C 263 13.54 26.22 -11.59
CA GLU C 263 14.46 25.30 -10.85
C GLU C 263 15.22 26.10 -9.79
N GLY C 264 15.60 27.33 -10.09
CA GLY C 264 16.22 28.26 -9.13
C GLY C 264 15.27 28.62 -8.00
N MET C 265 13.98 28.79 -8.34
CA MET C 265 12.92 29.21 -7.39
C MET C 265 12.65 28.06 -6.42
N LEU C 266 12.40 26.87 -6.97
CA LEU C 266 12.00 25.65 -6.21
C LEU C 266 13.16 25.20 -5.31
N ASP C 267 14.40 25.40 -5.75
CA ASP C 267 15.64 25.14 -4.95
C ASP C 267 15.60 25.95 -3.66
N TYR C 268 15.45 27.28 -3.78
CA TYR C 268 15.35 28.22 -2.63
C TYR C 268 14.17 27.83 -1.74
N LEU C 269 13.10 27.28 -2.33
CA LEU C 269 11.89 26.86 -1.59
C LEU C 269 12.20 25.58 -0.82
N ALA C 270 12.86 24.61 -1.46
CA ALA C 270 13.14 23.26 -0.91
C ALA C 270 14.27 23.27 0.13
N GLU C 271 15.18 24.25 0.07
CA GLU C 271 16.23 24.46 1.11
C GLU C 271 15.55 25.06 2.35
N ASN C 272 14.41 25.74 2.14
CA ASN C 272 13.60 26.44 3.17
C ASN C 272 12.28 25.69 3.35
N SER C 273 12.33 24.35 3.32
CA SER C 273 11.14 23.47 3.28
C SER C 273 10.41 23.49 4.63
N ASP C 274 11.04 24.04 5.67
CA ASP C 274 10.49 24.11 7.05
C ASP C 274 9.31 25.09 7.13
N VAL C 275 9.22 26.04 6.19
CA VAL C 275 8.09 27.02 6.08
C VAL C 275 7.36 26.86 4.73
N TRP C 276 7.96 26.15 3.77
CA TRP C 276 7.36 25.88 2.45
C TRP C 276 6.94 24.42 2.37
N LEU C 277 5.62 24.15 2.33
CA LEU C 277 5.07 22.78 2.42
C LEU C 277 4.79 22.24 1.03
N GLY C 278 5.45 22.77 0.00
CA GLY C 278 5.34 22.27 -1.37
C GLY C 278 4.48 23.17 -2.24
N ALA C 279 4.27 22.76 -3.51
CA ALA C 279 3.84 23.63 -4.62
C ALA C 279 2.85 22.91 -5.53
N SER C 280 2.11 23.68 -6.35
CA SER C 280 1.21 23.14 -7.39
C SER C 280 1.33 24.02 -8.64
N TRP C 281 1.74 23.44 -9.76
CA TRP C 281 1.93 24.08 -11.08
C TRP C 281 0.60 24.65 -11.60
N TRP C 282 0.64 25.57 -12.59
CA TRP C 282 -0.58 26.12 -13.25
C TRP C 282 -0.50 25.97 -14.77
N SER C 283 -1.20 24.97 -15.33
CA SER C 283 -2.34 24.28 -14.74
C SER C 283 -2.59 23.07 -15.63
N ALA C 284 -3.04 21.94 -15.05
CA ALA C 284 -3.43 20.73 -15.80
C ALA C 284 -4.82 21.00 -16.37
N GLY C 285 -5.44 20.02 -17.03
CA GLY C 285 -6.90 20.08 -17.30
C GLY C 285 -7.27 19.86 -18.77
N PRO C 286 -8.50 19.41 -19.06
CA PRO C 286 -8.84 18.94 -20.41
C PRO C 286 -9.32 19.97 -21.44
N TRP C 287 -9.25 21.27 -21.19
CA TRP C 287 -9.68 22.33 -22.15
C TRP C 287 -8.56 23.35 -22.40
N TRP C 288 -7.31 22.98 -22.12
CA TRP C 288 -6.13 23.89 -22.15
C TRP C 288 -5.49 23.85 -23.54
N GLN C 289 -5.35 22.66 -24.15
CA GLN C 289 -4.80 22.43 -25.52
C GLN C 289 -3.45 23.16 -25.70
N ASP C 290 -3.35 24.12 -26.63
CA ASP C 290 -2.08 24.81 -27.02
C ASP C 290 -1.51 25.63 -25.86
N TYR C 291 -2.25 25.80 -24.76
CA TYR C 291 -1.89 26.67 -23.61
C TYR C 291 -0.41 26.51 -23.32
N ILE C 292 0.33 27.62 -23.25
CA ILE C 292 1.78 27.71 -22.89
C ILE C 292 2.11 26.94 -21.60
N TYR C 293 1.15 26.68 -20.70
CA TYR C 293 1.40 26.07 -19.37
C TYR C 293 0.68 24.72 -19.22
N SER C 294 -0.22 24.39 -20.16
CA SER C 294 -1.05 23.16 -20.12
C SER C 294 -0.17 21.99 -19.67
N MET C 295 -0.36 21.54 -18.43
CA MET C 295 0.45 20.51 -17.70
C MET C 295 -0.37 19.23 -17.78
N GLU C 296 -1.34 19.24 -18.71
CA GLU C 296 -2.30 18.15 -19.06
C GLU C 296 -1.65 17.10 -19.94
N PRO C 297 -1.49 15.83 -19.50
CA PRO C 297 -1.08 14.74 -20.40
C PRO C 297 -1.97 14.56 -21.62
N PRO C 298 -1.49 13.87 -22.68
CA PRO C 298 -0.05 13.62 -22.86
C PRO C 298 0.63 14.75 -23.67
N ASN C 299 -0.13 15.75 -24.12
CA ASN C 299 0.26 16.80 -25.10
C ASN C 299 0.39 18.17 -24.41
N GLY C 300 0.27 18.22 -23.08
CA GLY C 300 0.72 19.38 -22.30
C GLY C 300 2.07 19.81 -22.82
N ILE C 301 2.18 21.08 -23.20
CA ILE C 301 3.45 21.81 -23.53
C ILE C 301 4.38 21.84 -22.30
N ALA C 302 3.86 22.15 -21.10
CA ALA C 302 4.59 22.11 -19.82
C ALA C 302 4.81 20.65 -19.43
N TYR C 303 3.82 19.79 -19.69
CA TYR C 303 3.87 18.34 -19.39
C TYR C 303 5.17 17.76 -19.96
N GLU C 304 5.58 18.26 -21.13
CA GLU C 304 6.77 17.75 -21.85
C GLU C 304 8.02 18.47 -21.37
N SER C 305 7.88 19.75 -21.08
CA SER C 305 9.03 20.63 -20.75
C SER C 305 9.40 20.45 -19.28
N TYR C 306 8.41 20.47 -18.38
CA TYR C 306 8.59 20.71 -16.92
C TYR C 306 8.34 19.43 -16.09
N LEU C 307 7.48 18.52 -16.54
CA LEU C 307 7.17 17.34 -15.69
C LEU C 307 8.48 16.67 -15.23
N SER C 308 9.43 16.42 -16.12
CA SER C 308 10.68 15.70 -15.78
C SER C 308 11.55 16.54 -14.82
N ILE C 309 11.33 17.85 -14.79
CA ILE C 309 12.06 18.78 -13.87
C ILE C 309 11.41 18.73 -12.49
N LEU C 310 10.08 18.73 -12.47
CA LEU C 310 9.27 18.87 -11.22
C LEU C 310 9.45 17.61 -10.38
N GLU C 311 9.51 16.44 -11.03
CA GLU C 311 9.63 15.13 -10.33
C GLU C 311 11.11 14.89 -9.96
N THR C 312 11.95 15.91 -10.04
CA THR C 312 13.23 16.04 -9.29
C THR C 312 12.92 16.38 -7.82
N TYR C 313 11.70 16.85 -7.51
CA TYR C 313 11.30 17.34 -6.15
C TYR C 313 10.14 16.54 -5.55
N PHE C 314 9.63 15.47 -6.19
CA PHE C 314 8.49 14.67 -5.66
C PHE C 314 9.03 13.49 -4.85
N ALA D 10 15.91 -4.97 -3.37
CA ALA D 10 15.49 -5.14 -4.80
C ALA D 10 15.26 -6.64 -5.10
N SER D 11 16.19 -7.28 -5.81
CA SER D 11 16.06 -8.65 -6.38
C SER D 11 16.58 -9.72 -5.42
N SER D 12 16.07 -10.94 -5.56
CA SER D 12 16.61 -12.19 -4.95
C SER D 12 17.22 -13.09 -6.04
N PHE D 13 16.76 -12.94 -7.29
CA PHE D 13 17.24 -13.65 -8.51
C PHE D 13 17.78 -12.65 -9.53
N GLU D 14 18.57 -13.11 -10.50
CA GLU D 14 19.03 -12.28 -11.65
C GLU D 14 17.78 -11.87 -12.44
N TRP D 15 17.02 -12.84 -12.92
CA TRP D 15 15.84 -12.65 -13.80
C TRP D 15 14.57 -13.13 -13.09
N PHE D 16 13.43 -12.50 -13.40
CA PHE D 16 12.09 -13.07 -13.12
C PHE D 16 11.09 -12.60 -14.18
N GLY D 17 10.37 -13.54 -14.81
CA GLY D 17 9.35 -13.16 -15.79
C GLY D 17 8.44 -14.31 -16.13
N SER D 18 7.89 -14.33 -17.35
CA SER D 18 6.85 -15.28 -17.81
C SER D 18 7.16 -15.75 -19.22
N ASN D 19 6.73 -16.96 -19.58
CA ASN D 19 6.67 -17.39 -20.99
C ASN D 19 5.56 -16.59 -21.66
N GLU D 20 5.53 -16.55 -22.99
CA GLU D 20 4.50 -15.82 -23.79
C GLU D 20 4.11 -16.66 -25.02
N SER D 21 3.11 -17.50 -24.85
CA SER D 21 2.58 -18.49 -25.82
C SER D 21 1.69 -17.79 -26.85
N GLY D 22 1.47 -18.45 -27.98
CA GLY D 22 0.66 -17.96 -29.10
C GLY D 22 1.13 -18.61 -30.39
N ALA D 23 2.44 -18.52 -30.64
CA ALA D 23 3.08 -18.90 -31.93
C ALA D 23 3.24 -20.43 -31.99
N GLU D 24 3.27 -21.10 -30.83
CA GLU D 24 3.44 -22.57 -30.71
C GLU D 24 2.09 -23.29 -30.54
N PHE D 25 0.95 -22.60 -30.59
CA PHE D 25 -0.40 -23.21 -30.58
C PHE D 25 -0.68 -23.86 -31.94
N GLY D 26 -1.74 -24.70 -32.01
CA GLY D 26 -2.24 -25.32 -33.25
C GLY D 26 -1.22 -26.28 -33.87
N SER D 27 -0.32 -26.80 -33.04
CA SER D 27 0.87 -27.61 -33.42
C SER D 27 0.45 -28.76 -34.34
N GLY D 28 -0.84 -29.12 -34.32
CA GLY D 28 -1.44 -30.08 -35.27
C GLY D 28 -1.36 -29.58 -36.69
N ASN D 29 -1.38 -28.26 -36.92
CA ASN D 29 -1.56 -27.66 -38.27
C ASN D 29 -0.32 -26.88 -38.69
N ILE D 30 0.56 -27.54 -39.45
CA ILE D 30 1.81 -26.94 -40.02
C ILE D 30 1.56 -26.67 -41.50
N PRO D 31 1.93 -25.47 -42.03
CA PRO D 31 2.35 -24.34 -41.22
C PRO D 31 1.22 -23.72 -40.40
N GLY D 32 -0.03 -23.94 -40.85
CA GLY D 32 -1.25 -23.34 -40.30
C GLY D 32 -1.24 -21.85 -40.55
N VAL D 33 -2.13 -21.12 -39.88
CA VAL D 33 -2.50 -19.71 -40.22
C VAL D 33 -2.48 -18.86 -38.94
N GLU D 34 -1.81 -17.71 -38.98
CA GLU D 34 -1.86 -16.62 -37.96
C GLU D 34 -3.30 -16.10 -37.86
N GLY D 35 -3.93 -16.25 -36.69
CA GLY D 35 -5.27 -15.72 -36.41
C GLY D 35 -6.32 -16.81 -36.27
N THR D 36 -6.00 -18.05 -36.66
CA THR D 36 -6.91 -19.23 -36.55
C THR D 36 -6.25 -20.33 -35.72
N ASP D 37 -5.07 -20.79 -36.15
CA ASP D 37 -4.36 -21.95 -35.56
C ASP D 37 -3.39 -21.44 -34.48
N TYR D 38 -2.78 -20.27 -34.71
CA TYR D 38 -1.74 -19.67 -33.83
C TYR D 38 -1.82 -18.15 -33.92
N THR D 39 -1.06 -17.46 -33.06
CA THR D 39 -0.93 -15.98 -33.05
C THR D 39 0.39 -15.60 -32.36
N PHE D 40 0.64 -14.29 -32.20
CA PHE D 40 1.89 -13.78 -31.61
C PHE D 40 1.53 -13.13 -30.29
N PRO D 41 2.44 -13.11 -29.30
CA PRO D 41 2.20 -12.34 -28.08
C PRO D 41 1.83 -10.90 -28.36
N ASN D 42 1.29 -10.25 -27.33
CA ASN D 42 0.71 -8.89 -27.34
C ASN D 42 1.67 -7.98 -26.55
N THR D 43 2.40 -7.13 -27.28
CA THR D 43 3.46 -6.23 -26.75
C THR D 43 2.88 -5.33 -25.65
N THR D 44 1.59 -4.97 -25.77
CA THR D 44 0.87 -4.09 -24.79
C THR D 44 0.69 -4.86 -23.48
N ALA D 45 0.39 -6.16 -23.56
CA ALA D 45 0.26 -7.08 -22.39
C ALA D 45 1.65 -7.40 -21.81
N ILE D 46 2.65 -7.56 -22.68
CA ILE D 46 4.07 -7.75 -22.25
C ILE D 46 4.40 -6.53 -21.40
N GLN D 47 4.10 -5.36 -21.96
CA GLN D 47 4.32 -4.03 -21.32
C GLN D 47 3.84 -4.07 -19.85
N ILE D 48 2.61 -4.51 -19.60
CA ILE D 48 2.00 -4.52 -18.23
C ILE D 48 2.88 -5.33 -17.26
N LEU D 49 3.48 -6.44 -17.74
CA LEU D 49 4.33 -7.31 -16.90
C LEU D 49 5.73 -6.71 -16.76
N ILE D 50 6.20 -5.93 -17.75
CA ILE D 50 7.46 -5.16 -17.62
C ILE D 50 7.21 -4.09 -16.56
N ASP D 51 6.12 -3.34 -16.71
CA ASP D 51 5.69 -2.26 -15.79
C ASP D 51 5.59 -2.80 -14.35
N ALA D 52 5.43 -4.13 -14.19
CA ALA D 52 5.28 -4.85 -12.90
C ALA D 52 6.64 -5.29 -12.34
N GLY D 53 7.70 -5.31 -13.17
CA GLY D 53 9.07 -5.71 -12.79
C GLY D 53 9.50 -7.07 -13.33
N MET D 54 8.95 -7.53 -14.46
CA MET D 54 9.35 -8.82 -15.10
C MET D 54 10.42 -8.55 -16.17
N ASN D 55 11.62 -9.14 -16.01
CA ASN D 55 12.84 -8.73 -16.75
C ASN D 55 13.30 -9.86 -17.69
N ILE D 56 12.39 -10.74 -18.12
CA ILE D 56 12.67 -11.86 -19.06
C ILE D 56 11.35 -12.44 -19.54
N PHE D 57 11.26 -12.79 -20.84
CA PHE D 57 10.04 -13.36 -21.46
C PHE D 57 10.40 -14.45 -22.49
N ARG D 58 10.03 -15.72 -22.22
CA ARG D 58 10.36 -16.86 -23.10
C ARG D 58 9.23 -17.03 -24.13
N VAL D 59 9.54 -16.84 -25.40
CA VAL D 59 8.51 -16.72 -26.47
C VAL D 59 8.58 -17.97 -27.33
N PRO D 60 7.74 -18.99 -27.08
CA PRO D 60 7.74 -20.19 -27.92
C PRO D 60 7.39 -19.95 -29.39
N PHE D 61 8.02 -20.72 -30.27
CA PHE D 61 7.64 -20.93 -31.66
C PHE D 61 7.95 -22.37 -32.02
N LEU D 62 7.42 -22.82 -33.17
CA LEU D 62 7.67 -24.16 -33.73
C LEU D 62 8.74 -24.08 -34.83
N MET D 63 9.76 -24.94 -34.77
CA MET D 63 10.81 -25.14 -35.82
C MET D 63 10.15 -25.27 -37.20
N GLU D 64 9.07 -26.04 -37.30
CA GLU D 64 8.48 -26.45 -38.60
C GLU D 64 7.84 -25.26 -39.33
N ARG D 65 7.62 -24.12 -38.66
CA ARG D 65 7.00 -22.88 -39.20
C ARG D 65 8.04 -21.76 -39.35
N MET D 66 9.09 -21.79 -38.51
CA MET D 66 10.25 -20.83 -38.55
C MET D 66 11.15 -21.17 -39.75
N ILE D 67 11.38 -22.47 -40.01
CA ILE D 67 12.23 -23.03 -41.11
C ILE D 67 11.49 -24.26 -41.65
N PRO D 68 10.48 -24.08 -42.54
CA PRO D 68 9.73 -25.20 -43.12
C PRO D 68 10.52 -26.30 -43.87
N THR D 69 10.01 -27.53 -43.80
CA THR D 69 10.38 -28.70 -44.67
C THR D 69 11.69 -29.36 -44.26
N GLU D 70 12.79 -28.60 -44.23
CA GLU D 70 14.12 -29.10 -43.85
C GLU D 70 14.68 -28.10 -42.86
N MET D 71 15.49 -28.52 -41.90
CA MET D 71 16.00 -27.51 -40.95
C MET D 71 17.34 -26.96 -41.44
N THR D 72 17.73 -27.32 -42.67
CA THR D 72 18.79 -26.66 -43.48
C THR D 72 18.16 -25.67 -44.46
N GLY D 73 16.83 -25.67 -44.60
CA GLY D 73 16.08 -24.75 -45.47
C GLY D 73 16.18 -23.29 -45.03
N SER D 74 15.30 -22.44 -45.60
CA SER D 74 15.22 -20.96 -45.40
C SER D 74 14.32 -20.66 -44.19
N LEU D 75 14.39 -19.42 -43.71
CA LEU D 75 13.43 -18.82 -42.75
C LEU D 75 12.14 -18.56 -43.50
N ASP D 76 10.99 -18.70 -42.81
CA ASP D 76 9.71 -18.15 -43.30
C ASP D 76 9.76 -16.66 -43.00
N THR D 77 9.86 -15.82 -44.03
CA THR D 77 10.04 -14.35 -43.84
C THR D 77 8.95 -13.90 -42.87
N ALA D 78 7.69 -14.23 -43.16
CA ALA D 78 6.47 -13.76 -42.47
C ALA D 78 6.50 -14.15 -41.00
N TYR D 79 6.50 -15.46 -40.73
CA TYR D 79 6.49 -16.03 -39.36
C TYR D 79 7.68 -15.52 -38.55
N PHE D 80 8.81 -15.20 -39.19
CA PHE D 80 10.03 -14.68 -38.51
C PHE D 80 9.90 -13.17 -38.22
N GLU D 81 9.09 -12.45 -38.99
CA GLU D 81 8.85 -11.01 -38.74
C GLU D 81 7.84 -10.88 -37.60
N GLY D 82 6.81 -11.72 -37.58
CA GLY D 82 5.87 -11.83 -36.45
C GLY D 82 6.62 -12.12 -35.17
N TYR D 83 7.39 -13.20 -35.13
CA TYR D 83 8.21 -13.67 -33.97
C TYR D 83 9.21 -12.58 -33.58
N SER D 84 10.14 -12.20 -34.47
CA SER D 84 11.21 -11.18 -34.23
C SER D 84 10.63 -9.89 -33.65
N GLU D 85 9.52 -9.42 -34.23
CA GLU D 85 8.85 -8.15 -33.85
C GLU D 85 8.61 -8.14 -32.33
N VAL D 86 8.28 -9.29 -31.74
CA VAL D 86 8.07 -9.45 -30.26
C VAL D 86 9.45 -9.38 -29.59
N ILE D 87 10.34 -10.32 -29.91
CA ILE D 87 11.74 -10.41 -29.39
C ILE D 87 12.32 -8.99 -29.31
N ASN D 88 12.13 -8.19 -30.36
CA ASN D 88 12.82 -6.89 -30.51
C ASN D 88 12.12 -5.85 -29.64
N TYR D 89 10.85 -6.06 -29.29
CA TYR D 89 10.12 -5.30 -28.24
C TYR D 89 10.73 -5.68 -26.88
N ILE D 90 10.54 -6.90 -26.41
CA ILE D 90 11.03 -7.31 -25.06
C ILE D 90 12.45 -6.75 -24.85
N THR D 91 13.42 -7.21 -25.63
CA THR D 91 14.81 -6.67 -25.72
C THR D 91 14.77 -5.15 -25.91
N GLY D 92 13.98 -4.68 -26.87
CA GLY D 92 13.73 -3.23 -27.08
C GLY D 92 13.75 -2.50 -25.75
N LYS D 93 12.88 -2.90 -24.81
CA LYS D 93 12.66 -2.25 -23.50
C LYS D 93 13.66 -2.76 -22.46
N GLY D 94 14.79 -3.33 -22.87
CA GLY D 94 15.89 -3.66 -21.94
C GLY D 94 15.71 -4.99 -21.24
N ALA D 95 14.72 -5.80 -21.66
CA ALA D 95 14.46 -7.16 -21.13
C ALA D 95 15.27 -8.19 -21.92
N HIS D 96 15.58 -9.32 -21.26
CA HIS D 96 16.03 -10.56 -21.92
C HIS D 96 14.83 -11.27 -22.55
N ALA D 97 14.97 -11.79 -23.76
CA ALA D 97 13.94 -12.57 -24.49
C ALA D 97 14.55 -13.90 -24.90
N VAL D 98 13.96 -15.00 -24.42
CA VAL D 98 14.41 -16.40 -24.68
C VAL D 98 13.67 -16.93 -25.92
N VAL D 99 14.45 -17.28 -26.96
CA VAL D 99 14.01 -17.93 -28.24
C VAL D 99 13.84 -19.45 -28.04
N ASP D 100 12.59 -19.93 -28.05
CA ASP D 100 12.15 -21.30 -27.65
C ASP D 100 11.60 -22.05 -28.86
N PRO D 101 12.44 -22.92 -29.49
CA PRO D 101 11.96 -23.93 -30.42
C PRO D 101 11.15 -25.02 -29.70
N HIS D 102 9.88 -24.71 -29.40
CA HIS D 102 8.95 -25.45 -28.49
C HIS D 102 8.41 -26.70 -29.19
N ASN D 103 9.27 -27.72 -29.32
CA ASN D 103 9.15 -28.76 -30.39
C ASN D 103 9.44 -30.17 -29.86
N PHE D 104 10.06 -30.26 -28.67
CA PHE D 104 10.19 -31.50 -27.88
C PHE D 104 11.18 -32.44 -28.55
N GLY D 105 12.33 -31.91 -28.95
CA GLY D 105 13.36 -32.66 -29.71
C GLY D 105 12.71 -33.40 -30.87
N ARG D 106 12.03 -32.66 -31.76
CA ARG D 106 11.16 -33.24 -32.81
C ARG D 106 10.93 -32.25 -33.97
N TYR D 107 10.97 -32.80 -35.19
CA TYR D 107 10.72 -32.10 -36.47
C TYR D 107 9.80 -32.89 -37.40
N TYR D 108 8.68 -32.29 -37.80
CA TYR D 108 7.49 -32.98 -38.36
C TYR D 108 7.24 -34.34 -37.66
N GLY D 109 7.41 -34.37 -36.33
CA GLY D 109 7.03 -35.49 -35.45
C GLY D 109 8.08 -36.58 -35.29
N THR D 110 9.27 -36.44 -35.90
CA THR D 110 10.34 -37.48 -35.86
C THR D 110 11.37 -36.92 -34.90
N PRO D 111 11.89 -37.73 -33.94
CA PRO D 111 13.08 -37.32 -33.21
C PRO D 111 14.10 -36.70 -34.18
N ILE D 112 14.72 -35.63 -33.74
CA ILE D 112 15.93 -35.05 -34.39
C ILE D 112 17.09 -36.00 -34.06
N SER D 113 17.70 -36.55 -35.10
CA SER D 113 18.71 -37.65 -35.11
C SER D 113 20.04 -37.25 -35.77
N SER D 114 20.17 -35.97 -36.18
CA SER D 114 21.32 -35.37 -36.92
C SER D 114 21.76 -34.08 -36.21
N THR D 115 23.06 -33.94 -35.93
CA THR D 115 23.63 -32.78 -35.22
C THR D 115 23.92 -31.63 -36.21
N SER D 116 24.31 -31.94 -37.45
CA SER D 116 24.62 -30.93 -38.50
C SER D 116 23.32 -30.27 -39.03
N ASP D 117 22.26 -31.03 -39.35
CA ASP D 117 20.96 -30.39 -39.69
C ASP D 117 20.63 -29.38 -38.56
N PHE D 118 20.79 -29.81 -37.30
CA PHE D 118 20.32 -29.08 -36.10
C PHE D 118 21.32 -27.99 -35.70
N GLN D 119 22.58 -28.10 -36.10
CA GLN D 119 23.52 -26.95 -36.09
C GLN D 119 23.10 -25.95 -37.17
N THR D 120 22.74 -26.43 -38.36
CA THR D 120 22.34 -25.56 -39.52
C THR D 120 21.02 -24.84 -39.18
N PHE D 121 19.98 -25.57 -38.73
CA PHE D 121 18.74 -24.96 -38.16
C PHE D 121 19.12 -23.71 -37.36
N TRP D 122 20.05 -23.87 -36.41
CA TRP D 122 20.32 -22.87 -35.35
C TRP D 122 21.09 -21.64 -35.85
N SER D 123 22.19 -21.85 -36.59
CA SER D 123 22.97 -20.76 -37.24
C SER D 123 22.01 -19.90 -38.06
N THR D 124 21.20 -20.45 -38.97
CA THR D 124 20.17 -19.66 -39.70
C THR D 124 19.37 -18.81 -38.70
N LEU D 125 18.80 -19.46 -37.68
CA LEU D 125 18.01 -18.80 -36.60
C LEU D 125 18.86 -17.76 -35.85
N ALA D 126 20.00 -18.14 -35.27
CA ALA D 126 20.78 -17.29 -34.34
C ALA D 126 21.50 -16.16 -35.08
N CYS D 127 21.65 -16.26 -36.41
CA CYS D 127 22.34 -15.23 -37.24
C CYS D 127 21.50 -13.94 -37.30
N GLN D 128 20.18 -14.06 -37.19
CA GLN D 128 19.22 -12.94 -37.29
C GLN D 128 19.18 -12.21 -35.95
N PHE D 129 19.97 -12.66 -34.98
CA PHE D 129 19.90 -12.19 -33.57
C PHE D 129 21.30 -11.98 -32.98
N LYS D 130 22.35 -12.03 -33.81
CA LYS D 130 23.73 -12.30 -33.34
C LYS D 130 24.38 -11.08 -32.70
N SER D 131 23.84 -9.87 -32.81
CA SER D 131 24.40 -8.65 -32.17
C SER D 131 23.37 -8.02 -31.22
N ASN D 132 22.34 -8.77 -30.81
CA ASN D 132 21.36 -8.38 -29.75
C ASN D 132 21.83 -8.99 -28.42
N ASP D 133 22.34 -8.16 -27.51
CA ASP D 133 22.91 -8.55 -26.19
C ASP D 133 21.86 -9.25 -25.32
N LEU D 134 20.58 -8.88 -25.48
CA LEU D 134 19.47 -9.22 -24.54
C LEU D 134 18.77 -10.51 -24.98
N VAL D 135 19.10 -11.07 -26.15
CA VAL D 135 18.45 -12.32 -26.63
C VAL D 135 19.10 -13.51 -25.92
N ILE D 136 18.29 -14.56 -25.68
CA ILE D 136 18.72 -15.88 -25.12
C ILE D 136 18.24 -16.97 -26.06
N PHE D 137 19.06 -17.99 -26.25
CA PHE D 137 18.72 -19.14 -27.12
C PHE D 137 18.43 -20.36 -26.26
N ASP D 138 17.21 -20.85 -26.41
CA ASP D 138 16.69 -22.08 -25.78
C ASP D 138 16.82 -23.12 -26.89
N THR D 139 17.75 -24.07 -26.76
CA THR D 139 18.10 -25.03 -27.84
C THR D 139 16.85 -25.79 -28.32
N ASN D 140 15.98 -26.22 -27.37
CA ASN D 140 14.65 -26.84 -27.62
C ASN D 140 13.94 -27.13 -26.29
N ASN D 141 12.61 -27.13 -26.36
CA ASN D 141 11.70 -27.30 -25.19
C ASN D 141 11.41 -28.79 -24.99
N GLU D 142 11.90 -29.32 -23.87
CA GLU D 142 11.46 -30.58 -23.23
C GLU D 142 11.77 -31.74 -24.18
N TYR D 143 13.05 -32.02 -24.42
CA TYR D 143 13.43 -33.30 -25.05
C TYR D 143 12.83 -34.45 -24.21
N HIS D 144 12.09 -35.37 -24.83
CA HIS D 144 11.48 -36.56 -24.17
C HIS D 144 11.55 -37.77 -25.11
N ASP D 145 11.40 -38.97 -24.53
CA ASP D 145 11.40 -40.28 -25.26
C ASP D 145 12.35 -40.20 -26.47
N MET D 146 13.60 -39.82 -26.19
CA MET D 146 14.77 -39.93 -27.09
C MET D 146 15.89 -40.62 -26.32
N ASP D 147 17.10 -40.60 -26.87
CA ASP D 147 18.30 -41.17 -26.24
C ASP D 147 19.14 -40.04 -25.63
N GLU D 148 19.79 -40.31 -24.50
CA GLU D 148 20.59 -39.30 -23.75
C GLU D 148 21.78 -38.88 -24.60
N SER D 149 22.53 -39.83 -25.14
CA SER D 149 23.65 -39.63 -26.09
C SER D 149 23.35 -38.49 -27.06
N VAL D 150 22.20 -38.59 -27.75
CA VAL D 150 21.74 -37.72 -28.88
C VAL D 150 21.31 -36.36 -28.36
N VAL D 151 20.42 -36.34 -27.38
CA VAL D 151 19.94 -35.08 -26.71
C VAL D 151 21.17 -34.26 -26.30
N VAL D 152 22.13 -34.86 -25.58
CA VAL D 152 23.37 -34.16 -25.10
C VAL D 152 24.13 -33.64 -26.33
N ALA D 153 24.10 -34.37 -27.45
CA ALA D 153 24.74 -33.98 -28.74
C ALA D 153 23.97 -32.80 -29.34
N LEU D 154 22.64 -32.90 -29.41
CA LEU D 154 21.82 -31.79 -29.95
C LEU D 154 22.13 -30.49 -29.18
N ASN D 155 22.23 -30.56 -27.87
CA ASN D 155 22.48 -29.35 -27.04
C ASN D 155 23.88 -28.77 -27.32
N GLN D 156 24.89 -29.59 -27.63
CA GLN D 156 26.27 -29.11 -28.00
C GLN D 156 26.33 -28.62 -29.46
N ALA D 157 25.66 -29.32 -30.38
CA ALA D 157 25.38 -28.85 -31.77
C ALA D 157 24.91 -27.41 -31.71
N ALA D 158 23.71 -27.18 -31.15
CA ALA D 158 23.00 -25.88 -31.12
C ALA D 158 23.94 -24.81 -30.60
N ILE D 159 24.67 -25.08 -29.51
CA ILE D 159 25.71 -24.12 -29.00
C ILE D 159 26.64 -23.76 -30.18
N ASP D 160 27.15 -24.77 -30.88
CA ASP D 160 28.22 -24.62 -31.91
C ASP D 160 27.66 -23.83 -33.10
N GLY D 161 26.47 -24.18 -33.59
CA GLY D 161 25.78 -23.47 -34.69
C GLY D 161 25.60 -22.01 -34.35
N ILE D 162 25.21 -21.74 -33.10
CA ILE D 162 24.98 -20.36 -32.53
C ILE D 162 26.31 -19.60 -32.48
N ARG D 163 27.29 -20.10 -31.73
CA ARG D 163 28.61 -19.42 -31.55
C ARG D 163 29.31 -19.27 -32.91
N ASP D 164 29.03 -20.17 -33.86
CA ASP D 164 29.57 -20.06 -35.25
C ASP D 164 28.90 -18.87 -35.97
N CYS D 165 27.58 -18.67 -35.82
CA CYS D 165 26.82 -17.58 -36.50
C CYS D 165 27.35 -16.19 -36.13
N GLY D 166 28.11 -16.06 -35.05
CA GLY D 166 28.71 -14.78 -34.62
C GLY D 166 27.92 -14.14 -33.48
N ALA D 167 27.29 -14.97 -32.66
CA ALA D 167 26.49 -14.61 -31.46
C ALA D 167 27.21 -15.20 -30.24
N THR D 168 28.08 -14.40 -29.59
CA THR D 168 29.02 -14.85 -28.53
C THR D 168 28.83 -14.01 -27.26
N THR D 169 27.83 -13.14 -27.22
CA THR D 169 27.43 -12.33 -26.03
C THR D 169 26.24 -12.97 -25.29
N GLN D 170 25.39 -13.73 -26.00
CA GLN D 170 24.05 -14.18 -25.52
C GLN D 170 24.17 -15.46 -24.69
N TYR D 171 23.30 -15.63 -23.71
CA TYR D 171 23.18 -16.87 -22.89
C TYR D 171 22.52 -17.98 -23.74
N ILE D 172 22.84 -19.23 -23.39
CA ILE D 172 22.27 -20.43 -24.06
C ILE D 172 21.69 -21.32 -22.97
N PHE D 173 20.38 -21.20 -22.78
CA PHE D 173 19.58 -22.19 -22.04
C PHE D 173 19.69 -23.51 -22.81
N VAL D 174 20.37 -24.51 -22.25
CA VAL D 174 20.29 -25.95 -22.70
C VAL D 174 19.20 -26.58 -21.84
N GLU D 175 18.76 -27.78 -22.22
CA GLU D 175 17.57 -28.51 -21.69
C GLU D 175 17.85 -30.02 -21.69
N GLY D 176 17.37 -30.71 -20.64
CA GLY D 176 17.53 -32.17 -20.43
C GLY D 176 16.61 -32.96 -21.36
N ASN D 177 16.66 -34.29 -21.24
CA ASN D 177 15.62 -35.22 -21.74
C ASN D 177 14.55 -35.17 -20.67
N ALA D 178 13.51 -36.01 -20.75
CA ALA D 178 12.59 -36.19 -19.61
C ALA D 178 11.91 -34.85 -19.29
N TYR D 179 11.72 -34.02 -20.31
CA TYR D 179 11.01 -32.72 -20.26
C TYR D 179 11.87 -31.72 -19.48
N SER D 180 13.18 -31.92 -19.50
CA SER D 180 14.14 -31.14 -18.69
C SER D 180 13.55 -30.96 -17.29
N GLY D 181 12.87 -31.98 -16.75
CA GLY D 181 12.24 -31.87 -15.42
C GLY D 181 13.31 -31.66 -14.37
N ALA D 182 13.03 -30.88 -13.33
CA ALA D 182 13.96 -30.64 -12.20
C ALA D 182 13.93 -31.83 -11.25
N TRP D 183 12.80 -32.53 -11.17
CA TRP D 183 12.60 -33.68 -10.24
C TRP D 183 13.23 -34.95 -10.80
N THR D 184 13.37 -35.06 -12.13
CA THR D 184 13.82 -36.27 -12.87
C THR D 184 15.29 -36.10 -13.30
N TRP D 185 15.95 -35.02 -12.92
CA TRP D 185 17.25 -34.62 -13.53
C TRP D 185 18.35 -35.62 -13.15
N THR D 186 18.61 -35.85 -11.86
CA THR D 186 19.78 -36.68 -11.41
C THR D 186 19.56 -38.15 -11.77
N THR D 187 18.31 -38.54 -12.06
CA THR D 187 17.91 -39.87 -12.62
C THR D 187 18.47 -40.02 -14.05
N TYR D 188 18.19 -39.07 -14.95
CA TYR D 188 18.35 -39.18 -16.43
C TYR D 188 19.45 -38.26 -16.99
N ASN D 189 19.54 -36.99 -16.53
CA ASN D 189 20.23 -35.89 -17.26
C ASN D 189 21.67 -35.65 -16.72
N THR D 190 22.25 -36.59 -15.97
CA THR D 190 23.58 -36.42 -15.31
C THR D 190 24.70 -36.13 -16.33
N ALA D 191 24.54 -36.53 -17.60
CA ALA D 191 25.56 -36.45 -18.68
C ALA D 191 25.63 -35.05 -19.28
N MET D 192 24.61 -34.21 -19.06
CA MET D 192 24.53 -32.81 -19.58
C MET D 192 25.62 -31.95 -18.95
N VAL D 193 26.29 -32.46 -17.90
CA VAL D 193 27.60 -31.91 -17.42
C VAL D 193 28.55 -31.63 -18.58
N ASN D 194 28.88 -32.66 -19.39
CA ASN D 194 29.77 -32.52 -20.59
C ASN D 194 29.01 -31.64 -21.60
N LEU D 195 29.04 -30.31 -21.44
CA LEU D 195 28.60 -29.35 -22.49
C LEU D 195 29.48 -28.09 -22.45
N THR D 196 30.05 -27.72 -23.60
CA THR D 196 31.11 -26.66 -23.74
C THR D 196 30.59 -25.42 -24.48
N ASP D 197 31.02 -24.26 -24.03
CA ASP D 197 30.77 -22.94 -24.67
C ASP D 197 32.05 -22.12 -24.60
N PRO D 198 32.69 -21.72 -25.72
CA PRO D 198 33.74 -20.70 -25.69
C PRO D 198 33.36 -19.53 -24.75
N SER D 199 32.13 -19.03 -24.89
CA SER D 199 31.58 -17.86 -24.14
C SER D 199 31.43 -18.21 -22.65
N ASP D 200 31.24 -19.50 -22.33
CA ASP D 200 30.98 -19.98 -20.95
C ASP D 200 29.67 -19.34 -20.46
N LEU D 201 28.62 -19.40 -21.29
CA LEU D 201 27.32 -18.71 -21.08
C LEU D 201 26.17 -19.73 -21.11
N ILE D 202 26.46 -21.00 -20.84
CA ILE D 202 25.44 -22.08 -20.72
C ILE D 202 24.72 -21.88 -19.39
N VAL D 203 23.39 -22.06 -19.39
CA VAL D 203 22.53 -22.20 -18.17
C VAL D 203 21.67 -23.45 -18.36
N TYR D 204 21.44 -24.25 -17.33
CA TYR D 204 20.57 -25.45 -17.45
C TYR D 204 19.13 -25.05 -17.13
N GLU D 205 18.28 -25.11 -18.16
CA GLU D 205 16.85 -24.77 -18.05
C GLU D 205 16.13 -26.04 -17.63
N MET D 206 15.43 -25.99 -16.50
CA MET D 206 14.54 -27.09 -16.06
C MET D 206 13.15 -26.50 -15.92
N HIS D 207 12.13 -27.34 -16.05
CA HIS D 207 10.69 -27.05 -15.82
C HIS D 207 10.24 -27.83 -14.60
N GLN D 208 9.36 -27.25 -13.78
CA GLN D 208 8.83 -27.95 -12.58
C GLN D 208 7.35 -27.59 -12.37
N TYR D 209 6.48 -28.59 -12.44
CA TYR D 209 5.04 -28.48 -12.09
C TYR D 209 4.82 -29.32 -10.82
N LEU D 210 3.68 -29.06 -10.15
CA LEU D 210 3.44 -29.56 -8.77
C LEU D 210 2.35 -30.64 -8.73
N ASP D 211 1.69 -30.93 -9.86
CA ASP D 211 0.74 -32.07 -9.93
C ASP D 211 1.51 -33.34 -9.54
N SER D 212 0.79 -34.43 -9.27
CA SER D 212 1.34 -35.80 -9.01
C SER D 212 2.41 -36.13 -10.06
N ASP D 213 2.02 -36.03 -11.34
CA ASP D 213 2.75 -36.58 -12.51
C ASP D 213 3.81 -35.59 -13.01
N GLY D 214 3.68 -34.31 -12.68
CA GLY D 214 4.64 -33.26 -13.08
C GLY D 214 4.27 -32.58 -14.38
N SER D 215 3.14 -32.95 -14.99
CA SER D 215 2.76 -32.56 -16.38
C SER D 215 2.34 -31.09 -16.47
N GLY D 216 1.75 -30.51 -15.43
CA GLY D 216 1.18 -29.14 -15.46
C GLY D 216 -0.17 -29.12 -16.17
N THR D 217 -1.02 -30.11 -15.91
CA THR D 217 -2.35 -30.29 -16.55
C THR D 217 -3.46 -29.94 -15.56
N SER D 218 -3.12 -29.50 -14.32
CA SER D 218 -4.14 -29.30 -13.25
C SER D 218 -3.73 -28.26 -12.21
N ASP D 219 -4.74 -27.71 -11.51
CA ASP D 219 -4.61 -26.65 -10.47
C ASP D 219 -4.41 -27.28 -9.09
N GLN D 220 -4.29 -28.60 -9.02
CA GLN D 220 -4.23 -29.38 -7.75
C GLN D 220 -2.79 -29.83 -7.54
N CYS D 221 -2.18 -29.36 -6.46
CA CYS D 221 -0.78 -29.68 -6.08
C CYS D 221 -0.79 -30.85 -5.09
N VAL D 222 0.15 -31.79 -5.23
CA VAL D 222 0.20 -33.02 -4.39
C VAL D 222 0.04 -32.59 -2.94
N SER D 223 0.97 -31.78 -2.48
CA SER D 223 1.04 -31.16 -1.13
C SER D 223 1.45 -29.72 -1.36
N SER D 224 1.74 -29.01 -0.27
CA SER D 224 2.34 -27.65 -0.23
C SER D 224 3.84 -27.72 0.08
N THR D 225 4.42 -28.92 0.12
CA THR D 225 5.90 -29.10 0.26
C THR D 225 6.48 -29.64 -1.05
N VAL D 226 5.63 -30.29 -1.87
CA VAL D 226 5.99 -31.04 -3.11
C VAL D 226 6.92 -30.18 -3.97
N GLY D 227 6.76 -28.85 -3.96
CA GLY D 227 7.58 -27.88 -4.71
C GLY D 227 9.02 -27.90 -4.25
N GLN D 228 9.26 -27.50 -3.00
CA GLN D 228 10.60 -27.50 -2.35
C GLN D 228 11.28 -28.84 -2.67
N GLU D 229 10.59 -29.94 -2.37
CA GLU D 229 11.09 -31.34 -2.42
C GLU D 229 11.56 -31.68 -3.86
N ARG D 230 10.89 -31.15 -4.88
CA ARG D 230 11.06 -31.61 -6.27
C ARG D 230 12.28 -30.94 -6.93
N VAL D 231 12.85 -29.88 -6.35
CA VAL D 231 14.07 -29.21 -6.90
C VAL D 231 15.24 -29.31 -5.91
N VAL D 232 15.22 -30.25 -4.97
CA VAL D 232 16.34 -30.41 -3.97
C VAL D 232 17.54 -30.98 -4.73
N ASP D 233 17.34 -32.09 -5.46
CA ASP D 233 18.40 -32.85 -6.17
C ASP D 233 19.03 -31.89 -7.18
N ALA D 234 18.25 -31.47 -8.17
CA ALA D 234 18.62 -30.54 -9.26
C ALA D 234 19.58 -29.44 -8.75
N THR D 235 19.28 -28.86 -7.58
CA THR D 235 20.02 -27.72 -6.96
C THR D 235 21.41 -28.16 -6.49
N THR D 236 21.54 -29.42 -6.04
CA THR D 236 22.80 -29.99 -5.50
C THR D 236 23.67 -30.48 -6.67
N TRP D 237 23.02 -30.89 -7.76
CA TRP D 237 23.72 -31.21 -9.03
C TRP D 237 24.51 -29.97 -9.49
N LEU D 238 23.95 -28.77 -9.32
CA LEU D 238 24.54 -27.50 -9.77
C LEU D 238 25.59 -27.02 -8.76
N GLN D 239 25.33 -27.18 -7.45
CA GLN D 239 26.31 -26.89 -6.36
C GLN D 239 27.57 -27.71 -6.64
N SER D 240 27.38 -29.02 -6.82
CA SER D 240 28.43 -30.07 -6.84
C SER D 240 29.27 -29.96 -8.10
N ASN D 241 28.65 -29.57 -9.22
CA ASN D 241 29.24 -29.61 -10.60
C ASN D 241 29.51 -28.20 -11.10
N GLY D 242 29.41 -27.19 -10.23
CA GLY D 242 29.72 -25.77 -10.54
C GLY D 242 29.06 -25.30 -11.83
N LYS D 243 27.72 -25.42 -11.90
CA LYS D 243 26.92 -25.05 -13.09
C LYS D 243 25.90 -23.97 -12.71
N LEU D 244 25.32 -23.30 -13.70
CA LEU D 244 24.22 -22.31 -13.51
C LEU D 244 22.90 -22.89 -14.06
N GLY D 245 21.79 -22.60 -13.38
CA GLY D 245 20.45 -23.13 -13.69
C GLY D 245 19.40 -22.03 -13.78
N ILE D 246 18.31 -22.29 -14.49
CA ILE D 246 17.08 -21.42 -14.56
C ILE D 246 15.84 -22.33 -14.59
N LEU D 247 14.75 -21.93 -13.91
CA LEU D 247 13.46 -22.66 -13.92
C LEU D 247 12.60 -22.01 -15.01
N GLY D 248 12.71 -22.51 -16.24
CA GLY D 248 12.18 -21.92 -17.47
C GLY D 248 10.66 -22.00 -17.54
N GLU D 249 10.08 -22.92 -16.79
CA GLU D 249 8.61 -23.03 -16.63
C GLU D 249 8.30 -23.50 -15.21
N PHE D 250 7.17 -23.04 -14.70
CA PHE D 250 6.52 -23.54 -13.46
C PHE D 250 5.18 -22.85 -13.40
N ALA D 251 4.21 -23.44 -12.69
CA ALA D 251 2.94 -22.80 -12.29
C ALA D 251 2.31 -23.59 -11.13
N GLY D 252 1.67 -22.86 -10.22
CA GLY D 252 0.72 -23.38 -9.24
C GLY D 252 -0.73 -23.05 -9.61
N GLY D 253 -1.68 -23.92 -9.25
CA GLY D 253 -3.12 -23.60 -9.30
C GLY D 253 -3.39 -22.43 -8.39
N ALA D 254 -4.52 -21.73 -8.62
CA ALA D 254 -4.88 -20.48 -7.90
C ALA D 254 -5.53 -20.82 -6.57
N ASN D 255 -4.91 -21.72 -5.79
CA ASN D 255 -5.41 -22.16 -4.47
C ASN D 255 -4.25 -22.20 -3.47
N SER D 256 -4.55 -22.24 -2.17
CA SER D 256 -3.61 -21.90 -1.08
C SER D 256 -2.40 -22.84 -1.09
N VAL D 257 -2.65 -24.13 -1.33
CA VAL D 257 -1.67 -25.24 -1.24
C VAL D 257 -0.71 -25.08 -2.44
N CYS D 258 -1.24 -25.01 -3.66
CA CYS D 258 -0.42 -24.69 -4.85
C CYS D 258 0.36 -23.39 -4.60
N GLU D 259 -0.33 -22.33 -4.16
CA GLU D 259 0.27 -20.97 -3.90
C GLU D 259 1.41 -21.04 -2.89
N GLU D 260 1.27 -21.87 -1.86
CA GLU D 260 2.22 -21.98 -0.73
C GLU D 260 3.48 -22.71 -1.19
N ALA D 261 3.27 -23.75 -2.02
CA ALA D 261 4.29 -24.65 -2.59
C ALA D 261 5.18 -23.92 -3.60
N VAL D 262 4.55 -23.22 -4.56
CA VAL D 262 5.26 -22.27 -5.46
C VAL D 262 6.13 -21.37 -4.56
N GLU D 263 5.55 -20.80 -3.51
CA GLU D 263 6.25 -19.85 -2.60
C GLU D 263 7.44 -20.53 -1.92
N GLY D 264 7.28 -21.76 -1.44
CA GLY D 264 8.33 -22.52 -0.72
C GLY D 264 9.42 -22.97 -1.67
N MET D 265 9.02 -23.34 -2.90
CA MET D 265 9.89 -23.70 -4.06
C MET D 265 10.83 -22.54 -4.39
N LEU D 266 10.29 -21.36 -4.63
CA LEU D 266 11.04 -20.14 -5.02
C LEU D 266 11.93 -19.70 -3.85
N ASP D 267 11.45 -19.85 -2.61
CA ASP D 267 12.22 -19.53 -1.37
C ASP D 267 13.50 -20.38 -1.34
N TYR D 268 13.42 -21.66 -1.71
CA TYR D 268 14.59 -22.58 -1.74
C TYR D 268 15.51 -22.19 -2.90
N LEU D 269 14.95 -21.70 -4.01
CA LEU D 269 15.73 -21.33 -5.22
C LEU D 269 16.52 -20.06 -4.94
N ALA D 270 15.97 -19.12 -4.15
CA ALA D 270 16.60 -17.81 -3.83
C ALA D 270 17.61 -17.96 -2.70
N GLU D 271 17.42 -18.95 -1.83
CA GLU D 271 18.39 -19.36 -0.78
C GLU D 271 19.62 -19.98 -1.46
N ASN D 272 19.48 -20.29 -2.74
CA ASN D 272 20.54 -20.88 -3.61
C ASN D 272 20.65 -20.03 -4.89
N SER D 273 20.57 -18.70 -4.76
CA SER D 273 20.68 -17.77 -5.92
C SER D 273 22.04 -17.96 -6.62
N ASP D 274 23.06 -18.35 -5.87
CA ASP D 274 24.46 -18.57 -6.35
C ASP D 274 24.47 -19.52 -7.57
N VAL D 275 23.48 -20.39 -7.74
CA VAL D 275 23.38 -21.36 -8.87
C VAL D 275 22.06 -21.20 -9.66
N TRP D 276 21.05 -20.55 -9.07
CA TRP D 276 19.71 -20.34 -9.69
C TRP D 276 19.61 -18.88 -10.12
N LEU D 277 19.56 -18.63 -11.42
CA LEU D 277 19.72 -17.27 -12.01
C LEU D 277 18.36 -16.57 -12.10
N GLY D 278 17.27 -17.30 -11.82
CA GLY D 278 15.91 -16.79 -11.91
C GLY D 278 14.95 -17.80 -12.49
N ALA D 279 13.71 -17.35 -12.77
CA ALA D 279 12.62 -18.22 -13.22
C ALA D 279 11.63 -17.45 -14.09
N SER D 280 10.77 -18.22 -14.75
CA SER D 280 9.80 -17.75 -15.77
C SER D 280 8.55 -18.60 -15.64
N TRP D 281 7.44 -17.96 -15.31
CA TRP D 281 6.13 -18.61 -15.06
C TRP D 281 5.65 -19.26 -16.36
N TRP D 282 4.74 -20.24 -16.29
CA TRP D 282 3.95 -20.73 -17.46
C TRP D 282 2.46 -20.48 -17.24
N SER D 283 1.88 -19.45 -17.87
CA SER D 283 2.42 -18.77 -19.04
C SER D 283 1.48 -17.62 -19.37
N ALA D 284 2.00 -16.48 -19.85
CA ALA D 284 1.21 -15.33 -20.35
C ALA D 284 0.78 -15.63 -21.78
N GLY D 285 0.23 -14.65 -22.51
CA GLY D 285 -0.07 -14.77 -23.95
C GLY D 285 -1.50 -14.35 -24.25
N PRO D 286 -1.89 -14.05 -25.51
CA PRO D 286 -3.18 -13.44 -25.78
C PRO D 286 -4.35 -14.40 -26.06
N TRP D 287 -4.15 -15.72 -26.00
CA TRP D 287 -5.21 -16.71 -26.37
C TRP D 287 -5.38 -17.77 -25.26
N TRP D 288 -4.96 -17.48 -24.04
CA TRP D 288 -5.06 -18.40 -22.88
C TRP D 288 -6.51 -18.45 -22.33
N GLN D 289 -7.15 -17.27 -22.14
CA GLN D 289 -8.53 -17.13 -21.60
C GLN D 289 -8.54 -17.64 -20.15
N ASP D 290 -9.47 -18.55 -19.82
CA ASP D 290 -9.63 -19.12 -18.45
C ASP D 290 -8.63 -20.27 -18.25
N TYR D 291 -7.53 -20.28 -18.98
CA TYR D 291 -6.41 -21.23 -18.76
C TYR D 291 -5.99 -21.15 -17.29
N ILE D 292 -6.04 -22.27 -16.57
CA ILE D 292 -5.78 -22.33 -15.10
C ILE D 292 -4.47 -21.66 -14.69
N TYR D 293 -3.57 -21.31 -15.61
CA TYR D 293 -2.24 -20.72 -15.32
C TYR D 293 -2.05 -19.36 -16.01
N SER D 294 -3.08 -18.80 -16.66
CA SER D 294 -2.98 -17.57 -17.50
C SER D 294 -2.49 -16.41 -16.64
N MET D 295 -1.23 -16.02 -16.85
CA MET D 295 -0.50 -14.85 -16.27
C MET D 295 -0.69 -13.64 -17.17
N GLU D 296 -1.59 -13.74 -18.15
CA GLU D 296 -1.98 -12.64 -19.08
C GLU D 296 -2.89 -11.62 -18.39
N PRO D 297 -2.51 -10.33 -18.35
CA PRO D 297 -3.41 -9.27 -17.89
C PRO D 297 -4.55 -9.01 -18.86
N PRO D 298 -5.66 -8.38 -18.39
CA PRO D 298 -5.81 -7.95 -17.01
C PRO D 298 -6.49 -9.00 -16.12
N ASN D 299 -7.05 -10.06 -16.74
CA ASN D 299 -8.04 -11.04 -16.18
C ASN D 299 -7.42 -12.43 -15.94
N GLY D 300 -6.21 -12.69 -16.41
CA GLY D 300 -5.54 -13.99 -16.20
C GLY D 300 -5.79 -14.49 -14.79
N ILE D 301 -6.16 -15.77 -14.64
CA ILE D 301 -6.33 -16.42 -13.31
C ILE D 301 -5.01 -16.34 -12.54
N ALA D 302 -3.90 -16.79 -13.14
CA ALA D 302 -2.58 -16.74 -12.46
C ALA D 302 -2.32 -15.29 -12.10
N TYR D 303 -2.56 -14.39 -13.05
CA TYR D 303 -2.33 -12.93 -12.88
C TYR D 303 -2.94 -12.48 -11.55
N GLU D 304 -4.21 -12.80 -11.34
CA GLU D 304 -4.99 -12.35 -10.16
C GLU D 304 -4.32 -12.89 -8.90
N SER D 305 -4.02 -14.18 -8.90
CA SER D 305 -3.68 -14.96 -7.69
C SER D 305 -2.17 -14.96 -7.43
N TYR D 306 -1.34 -14.80 -8.46
CA TYR D 306 0.12 -15.10 -8.35
C TYR D 306 1.02 -13.91 -8.69
N LEU D 307 0.54 -12.83 -9.32
CA LEU D 307 1.48 -11.72 -9.67
C LEU D 307 2.03 -11.11 -8.37
N SER D 308 1.12 -10.69 -7.50
CA SER D 308 1.40 -10.06 -6.19
C SER D 308 2.30 -10.95 -5.31
N ILE D 309 2.36 -12.25 -5.58
CA ILE D 309 3.26 -13.20 -4.88
C ILE D 309 4.61 -13.20 -5.60
N LEU D 310 4.59 -13.19 -6.94
CA LEU D 310 5.81 -13.24 -7.81
C LEU D 310 6.70 -11.99 -7.61
N GLU D 311 6.13 -10.81 -7.36
CA GLU D 311 6.94 -9.56 -7.18
C GLU D 311 7.46 -9.44 -5.74
N THR D 312 7.22 -10.44 -4.88
CA THR D 312 7.94 -10.64 -3.61
C THR D 312 9.41 -10.90 -3.91
N TYR D 313 9.71 -11.32 -5.16
CA TYR D 313 11.01 -11.91 -5.58
C TYR D 313 11.75 -11.01 -6.58
N PHE D 314 11.04 -10.19 -7.38
CA PHE D 314 11.68 -9.44 -8.50
C PHE D 314 12.72 -8.50 -7.90
C1 NAG E . -27.89 -4.80 26.46
C2 NAG E . -26.93 -4.10 27.43
C3 NAG E . -27.63 -3.84 28.75
C4 NAG E . -28.91 -3.05 28.52
C5 NAG E . -29.75 -3.75 27.44
C6 NAG E . -31.01 -3.04 26.99
C7 NAG E . -24.52 -4.67 27.41
C8 NAG E . -24.19 -3.41 26.64
N2 NAG E . -25.78 -4.93 27.73
O3 NAG E . -26.65 -3.17 29.55
O4 NAG E . -29.59 -3.01 29.80
O5 NAG E . -29.01 -3.96 26.24
O6 NAG E . -30.79 -1.65 26.77
O7 NAG E . -23.67 -5.45 27.76
C1 NAG E . -29.84 -1.63 30.19
C2 NAG E . -31.01 -1.58 31.18
C3 NAG E . -31.22 -0.15 31.66
C4 NAG E . -29.96 0.42 32.27
C5 NAG E . -28.80 0.34 31.27
C6 NAG E . -27.47 0.71 31.93
C7 NAG E . -32.65 -3.28 30.60
C8 NAG E . -33.95 -3.48 29.87
N2 NAG E . -32.24 -2.03 30.58
O3 NAG E . -32.32 -0.12 32.57
O4 NAG E . -30.19 1.80 32.65
O5 NAG E . -28.66 -1.00 30.75
O6 NAG E . -27.00 -0.41 32.69
C1 NAG F . 15.44 2.74 43.60
C2 NAG F . 16.40 3.46 44.54
C3 NAG F . 15.74 3.70 45.86
C4 NAG F . 14.47 4.49 45.70
C5 NAG F . 13.59 3.86 44.61
C6 NAG F . 12.37 4.72 44.30
C7 NAG F . 18.79 2.90 44.22
C8 NAG F . 19.02 4.12 43.34
N2 NAG F . 17.60 2.67 44.77
O3 NAG F . 16.69 4.40 46.64
O4 NAG F . 13.78 4.47 46.99
O5 NAG F . 14.33 3.62 43.40
O6 NAG F . 12.61 5.50 43.14
O7 NAG F . 19.66 2.07 44.47
C1 NAG F . 13.74 5.81 47.58
C2 NAG F . 12.45 6.08 48.37
C3 NAG F . 12.51 7.49 48.93
C4 NAG F . 13.78 7.63 49.78
C5 NAG F . 14.98 7.43 48.85
C6 NAG F . 16.33 7.78 49.48
C7 NAG F . 10.57 4.90 47.25
C8 NAG F . 9.43 5.08 46.28
N2 NAG F . 11.27 6.01 47.51
O3 NAG F . 11.31 7.85 49.64
O4 NAG F . 13.79 8.91 50.42
O5 NAG F . 14.90 6.07 48.39
O6 NAG F . 17.09 6.61 49.82
O7 NAG F . 10.83 3.80 47.74
C1 NAG G . -8.79 11.84 -20.13
C2 NAG G . -9.21 12.10 -21.59
C3 NAG G . -9.12 10.77 -22.33
C4 NAG G . -7.65 10.44 -22.40
C5 NAG G . -7.15 10.32 -20.96
C6 NAG G . -5.66 10.01 -20.89
C7 NAG G . -10.72 13.99 -22.12
C8 NAG G . -9.58 14.93 -22.43
N2 NAG G . -10.52 12.72 -21.71
O3 NAG G . -9.65 10.83 -23.65
O4 NAG G . -7.55 9.20 -23.09
O5 NAG G . -7.42 11.49 -20.16
O6 NAG G . -4.92 11.24 -20.89
O7 NAG G . -11.85 14.37 -22.27
C1 NAG G . -6.75 9.28 -24.28
C2 NAG G . -6.26 7.87 -24.60
C3 NAG G . -5.52 7.95 -25.93
C4 NAG G . -6.49 8.44 -27.00
C5 NAG G . -6.81 9.91 -26.67
C6 NAG G . -7.68 10.59 -27.74
C7 NAG G . -5.68 6.47 -22.62
C8 NAG G . -4.66 6.22 -21.53
N2 NAG G . -5.39 7.42 -23.52
O3 NAG G . -4.94 6.69 -26.26
O4 NAG G . -5.96 8.30 -28.32
O5 NAG G . -7.45 9.90 -25.38
O6 NAG G . -9.08 10.26 -27.62
O7 NAG G . -6.71 5.82 -22.64
C1 NAG H . -3.25 -6.40 -25.55
C2 NAG H . -4.68 -6.60 -26.07
C3 NAG H . -5.38 -5.26 -25.96
C4 NAG H . -5.49 -4.91 -24.50
C5 NAG H . -4.09 -4.86 -23.91
C6 NAG H . -4.19 -4.47 -22.43
C7 NAG H . -5.07 -8.41 -27.74
C8 NAG H . -5.26 -9.45 -26.65
N2 NAG H . -4.75 -7.13 -27.44
O3 NAG H . -6.69 -5.32 -26.52
O4 NAG H . -6.13 -3.62 -24.47
O5 NAG H . -3.30 -6.05 -24.16
O6 NAG H . -3.86 -5.52 -21.53
O7 NAG H . -5.24 -8.72 -28.91
C1 NAG H . -7.43 -3.64 -23.86
C2 NAG H . -7.69 -2.27 -23.21
C3 NAG H . -9.07 -2.33 -22.55
C4 NAG H . -10.12 -2.68 -23.61
C5 NAG H . -9.79 -4.11 -24.07
C6 NAG H . -10.90 -4.83 -24.87
C7 NAG H . -5.64 -1.21 -22.32
C8 NAG H . -4.78 -1.08 -21.09
N2 NAG H . -6.71 -2.00 -22.18
O3 NAG H . -9.42 -1.14 -21.85
O4 NAG H . -11.41 -2.53 -23.01
O5 NAG H . -8.51 -3.99 -24.75
O6 NAG H . -10.64 -5.00 -26.27
O7 NAG H . -5.35 -0.65 -23.36
S SO4 I . -19.08 -0.06 5.73
O1 SO4 I . -19.52 -1.43 5.51
O2 SO4 I . -17.66 -0.02 5.98
O3 SO4 I . -19.35 0.76 4.57
O4 SO4 I . -19.77 0.50 6.86
S SO4 J . 24.17 7.46 22.79
O1 SO4 J . 23.79 7.72 21.41
O2 SO4 J . 25.61 7.59 22.89
O3 SO4 J . 23.77 6.13 23.15
O4 SO4 J . 23.54 8.44 23.66
S SO4 K . -4.64 33.06 -11.87
O1 SO4 K . -4.16 32.04 -12.75
O2 SO4 K . -3.54 33.90 -11.52
O3 SO4 K . -5.66 33.82 -12.55
O4 SO4 K . -5.18 32.44 -10.67
S SO4 L . 5.31 -27.52 -21.56
O1 SO4 L . 5.19 -28.83 -22.18
O2 SO4 L . 6.49 -26.85 -22.11
O3 SO4 L . 4.13 -26.72 -21.84
O4 SO4 L . 5.43 -27.66 -20.13
#